data_9J4R
#
_entry.id   9J4R
#
_cell.length_a   1.00
_cell.length_b   1.00
_cell.length_c   1.00
_cell.angle_alpha   90.00
_cell.angle_beta   90.00
_cell.angle_gamma   90.00
#
_symmetry.space_group_name_H-M   'P 1'
#
loop_
_entity.id
_entity.type
_entity.pdbx_description
1 polymer 'Iron ABC transporter permease'
2 polymer 'Iron ABC transporter, ATP-binding protein'
#
loop_
_entity_poly.entity_id
_entity_poly.type
_entity_poly.pdbx_seq_one_letter_code
_entity_poly.pdbx_strand_id
1 'polypeptide(L)'
;AGVLLPVAYLGVRALEADPLVLREILLRPKNLELLRNTLGLAAGVLGLATLVALPAAYLTTRTDLRGKRLWATLLTLPLA
VPGYVGAYVLLSATGPGGLLPLPRPEGYWGALLVLGLITYPYLFLALRAAFLGVDPSVEEAARTLGHPPWRVFLRVTLPQ
LLPAFLSGYLVIALHVLGDFGTVSLLRYETFSYAIYLQYSAAFDRVYAAWLALFLLLLTGSLLLLEAALLRRLSLGRTGR
GAARTSPPARLGPLAPLAHLFLLLPFLLAVAFPLYALLHLARRFPASATSGLAEALGHALLVALPVAFLSVGMALPIAYL
ASRYPSAASRTLERLAYLAYAIPPLAYALAWIFFSLRTLPFLYGTLALLVLALALHFLTESLGPVRSALAQVPPRLEEAA
RTLGDTPTRAFFRVTFPLLWRGAAAGGSLAFIGAMKELPITLLLAPTGFSTLATRVFGYTQEAMFAEAAPFALLIVGLSA
AFVGVLLWNERRF
;
A
2 'polypeptide(L)'
;MERAPLLELKGIRKRFGELEVLRGVDLALYPGEILALLGPSGCGKTTLLRVVAGLEVPDAGRVFLEGRDITALPPEKRGI
GFVFQDYALFPHLTALGNVAFGLKGKDRLARARKALERVGMTLFQDRRPGELSGGQQQRVALARALAPGPKLVLLDEPFS
SLDAGLRAATREEVRKVLKETGTAALLVTHDQEEALSFADRLGVMRGGEILQVGTPEEVYLRPKTPFVAQFLGRTNLLPG
EGRGRYAETCLGRVPLAEAREGPLLLSLRPEALRLTPPGQGPQGEVVAREFKGHDLTYRVRLHGVQPEREVLVQEGPTCP
FKVGDRVGLEVVGEGVALEG
;
B,C
#
# COMPACT_ATOMS: atom_id res chain seq x y z
N ALA A 1 34.60 11.28 -12.44
CA ALA A 1 35.45 11.96 -13.42
C ALA A 1 34.69 12.16 -14.73
N GLY A 2 33.44 11.68 -14.77
CA GLY A 2 32.65 11.86 -15.97
C GLY A 2 32.36 13.32 -16.27
N VAL A 3 32.01 14.10 -15.24
CA VAL A 3 31.80 15.52 -15.39
C VAL A 3 32.65 16.37 -14.45
N LEU A 4 33.21 15.78 -13.39
CA LEU A 4 34.00 16.57 -12.44
C LEU A 4 35.22 17.18 -13.11
N LEU A 5 35.91 16.41 -13.94
CA LEU A 5 37.11 16.89 -14.63
C LEU A 5 36.79 17.73 -15.87
N PRO A 6 35.87 17.28 -16.77
CA PRO A 6 35.60 18.08 -17.99
C PRO A 6 35.15 19.50 -17.71
N VAL A 7 34.03 19.68 -16.98
CA VAL A 7 33.50 21.02 -16.78
C VAL A 7 34.32 21.83 -15.78
N ALA A 8 35.31 21.22 -15.12
CA ALA A 8 36.20 21.98 -14.26
C ALA A 8 37.06 22.93 -15.08
N TYR A 9 37.65 22.45 -16.17
CA TYR A 9 38.46 23.30 -17.02
C TYR A 9 37.64 24.25 -17.88
N LEU A 10 36.34 24.00 -18.03
CA LEU A 10 35.49 24.93 -18.75
C LEU A 10 35.49 26.30 -18.07
N GLY A 11 35.42 26.32 -16.75
CA GLY A 11 35.57 27.57 -16.02
C GLY A 11 37.00 28.04 -15.93
N VAL A 12 37.96 27.11 -15.93
CA VAL A 12 39.36 27.49 -15.87
C VAL A 12 39.79 28.14 -17.18
N ARG A 13 39.35 27.58 -18.31
CA ARG A 13 39.70 28.16 -19.61
C ARG A 13 39.14 29.56 -19.75
N ALA A 14 37.89 29.76 -19.34
CA ALA A 14 37.28 31.08 -19.44
C ALA A 14 38.03 32.09 -18.58
N LEU A 15 38.41 31.72 -17.36
CA LEU A 15 39.14 32.61 -16.47
C LEU A 15 40.64 32.55 -16.73
N GLU A 16 41.04 32.71 -18.00
CA GLU A 16 42.44 32.79 -18.40
C GLU A 16 42.57 34.00 -19.33
N ALA A 17 42.71 35.18 -18.74
CA ALA A 17 42.82 36.44 -19.49
C ALA A 17 43.11 37.59 -18.54
N ASP A 18 43.26 38.80 -19.10
CA ASP A 18 43.40 39.98 -18.28
C ASP A 18 42.10 40.23 -17.51
N PRO A 19 42.20 40.77 -16.29
CA PRO A 19 40.98 41.10 -15.54
C PRO A 19 40.06 42.07 -16.27
N LEU A 20 40.59 42.95 -17.10
CA LEU A 20 39.75 43.82 -17.91
C LEU A 20 39.06 43.06 -19.04
N VAL A 21 39.68 41.99 -19.54
CA VAL A 21 39.06 41.20 -20.59
C VAL A 21 37.79 40.53 -20.09
N LEU A 22 37.82 40.00 -18.87
CA LEU A 22 36.62 39.37 -18.30
C LEU A 22 35.52 40.40 -18.12
N ARG A 23 35.87 41.61 -17.66
CA ARG A 23 34.87 42.67 -17.53
C ARG A 23 34.28 43.04 -18.88
N GLU A 24 35.11 43.13 -19.91
CA GLU A 24 34.60 43.45 -21.25
C GLU A 24 33.67 42.35 -21.75
N ILE A 25 34.03 41.09 -21.52
CA ILE A 25 33.19 39.99 -21.97
C ILE A 25 31.85 40.00 -21.23
N LEU A 26 31.89 40.24 -19.92
CA LEU A 26 30.64 40.35 -19.17
C LEU A 26 29.81 41.56 -19.62
N LEU A 27 30.47 42.67 -19.94
CA LEU A 27 29.76 43.89 -20.33
C LEU A 27 29.58 43.95 -21.86
N ARG A 28 28.76 43.03 -22.35
CA ARG A 28 28.40 43.01 -23.76
C ARG A 28 26.87 42.98 -23.86
N PRO A 29 26.27 43.80 -24.74
CA PRO A 29 24.80 43.82 -24.82
C PRO A 29 24.19 42.53 -25.32
N LYS A 30 24.98 41.66 -25.97
CA LYS A 30 24.44 40.43 -26.53
C LYS A 30 24.03 39.43 -25.45
N ASN A 31 24.65 39.50 -24.27
CA ASN A 31 24.30 38.55 -23.21
C ASN A 31 22.86 38.72 -22.77
N LEU A 32 22.40 39.96 -22.62
CA LEU A 32 21.01 40.21 -22.24
C LEU A 32 20.05 39.73 -23.32
N GLU A 33 20.40 39.95 -24.59
CA GLU A 33 19.57 39.45 -25.68
C GLU A 33 19.46 37.93 -25.65
N LEU A 34 20.59 37.25 -25.44
CA LEU A 34 20.57 35.80 -25.36
C LEU A 34 19.73 35.30 -24.19
N LEU A 35 19.89 35.94 -23.02
CA LEU A 35 19.11 35.54 -21.85
C LEU A 35 17.62 35.75 -22.08
N ARG A 36 17.25 36.89 -22.65
CA ARG A 36 15.84 37.17 -22.92
C ARG A 36 15.27 36.18 -23.91
N ASN A 37 16.01 35.89 -24.99
CA ASN A 37 15.53 34.95 -26.00
C ASN A 37 15.35 33.57 -25.41
N THR A 38 16.34 33.10 -24.64
CA THR A 38 16.26 31.77 -24.06
C THR A 38 15.10 31.65 -23.08
N LEU A 39 14.94 32.65 -22.20
CA LEU A 39 13.86 32.59 -21.22
C LEU A 39 12.49 32.69 -21.89
N GLY A 40 12.35 33.55 -22.89
CA GLY A 40 11.08 33.65 -23.60
C GLY A 40 10.71 32.38 -24.32
N LEU A 41 11.69 31.75 -24.99
CA LEU A 41 11.42 30.49 -25.65
C LEU A 41 11.04 29.41 -24.65
N ALA A 42 11.75 29.34 -23.52
CA ALA A 42 11.42 28.34 -22.51
C ALA A 42 10.02 28.54 -21.96
N ALA A 43 9.63 29.80 -21.68
CA ALA A 43 8.30 30.07 -21.17
C ALA A 43 7.22 29.71 -22.18
N GLY A 44 7.42 30.09 -23.45
CA GLY A 44 6.42 29.76 -24.46
C GLY A 44 6.28 28.26 -24.66
N VAL A 45 7.40 27.54 -24.68
CA VAL A 45 7.34 26.08 -24.83
C VAL A 45 6.66 25.45 -23.64
N LEU A 46 6.94 25.95 -22.43
CA LEU A 46 6.26 25.43 -21.24
C LEU A 46 4.76 25.64 -21.32
N GLY A 47 4.33 26.83 -21.76
CA GLY A 47 2.91 27.10 -21.88
C GLY A 47 2.23 26.20 -22.90
N LEU A 48 2.85 26.05 -24.08
CA LEU A 48 2.27 25.19 -25.10
C LEU A 48 2.21 23.73 -24.64
N ALA A 49 3.29 23.26 -24.00
CA ALA A 49 3.32 21.88 -23.50
C ALA A 49 2.24 21.66 -22.45
N THR A 50 2.05 22.63 -21.55
CA THR A 50 0.98 22.51 -20.57
C THR A 50 -0.39 22.43 -21.24
N LEU A 51 -0.64 23.33 -22.19
CA LEU A 51 -1.93 23.36 -22.87
C LEU A 51 -2.21 22.07 -23.61
N VAL A 52 -1.17 21.41 -24.12
CA VAL A 52 -1.40 20.16 -24.84
C VAL A 52 -1.50 18.98 -23.87
N ALA A 53 -0.73 19.00 -22.78
CA ALA A 53 -0.56 17.83 -21.94
C ALA A 53 -1.61 17.69 -20.86
N LEU A 54 -2.04 18.78 -20.22
CA LEU A 54 -3.01 18.65 -19.14
C LEU A 54 -4.35 18.11 -19.62
N PRO A 55 -5.01 18.67 -20.65
CA PRO A 55 -6.26 18.06 -21.12
C PRO A 55 -6.09 16.64 -21.62
N ALA A 56 -4.97 16.34 -22.27
CA ALA A 56 -4.74 14.98 -22.77
C ALA A 56 -4.61 13.99 -21.62
N ALA A 57 -3.87 14.35 -20.58
CA ALA A 57 -3.75 13.48 -19.42
C ALA A 57 -5.09 13.28 -18.73
N TYR A 58 -5.87 14.36 -18.61
CA TYR A 58 -7.20 14.22 -18.02
C TYR A 58 -8.08 13.29 -18.85
N LEU A 59 -8.07 13.46 -20.18
CA LEU A 59 -8.92 12.65 -21.04
C LEU A 59 -8.52 11.18 -20.99
N THR A 60 -7.22 10.90 -20.97
CA THR A 60 -6.73 9.53 -20.95
C THR A 60 -6.66 8.93 -19.56
N THR A 61 -7.01 9.68 -18.53
CA THR A 61 -7.03 9.13 -17.18
C THR A 61 -8.40 9.13 -16.54
N ARG A 62 -9.11 10.25 -16.57
CA ARG A 62 -10.34 10.44 -15.79
C ARG A 62 -11.56 10.57 -16.70
N THR A 63 -11.63 9.72 -17.73
CA THR A 63 -12.71 9.79 -18.69
C THR A 63 -12.86 8.43 -19.35
N ASP A 64 -14.10 8.03 -19.62
CA ASP A 64 -14.38 6.74 -20.27
C ASP A 64 -13.97 6.84 -21.74
N LEU A 65 -12.66 6.81 -21.96
CA LEU A 65 -12.07 6.92 -23.29
C LEU A 65 -11.89 5.54 -23.89
N ARG A 66 -12.19 5.42 -25.18
CA ARG A 66 -12.04 4.15 -25.89
C ARG A 66 -10.58 3.97 -26.29
N GLY A 67 -9.90 3.02 -25.65
CA GLY A 67 -8.51 2.76 -25.95
C GLY A 67 -7.56 3.77 -25.35
N LYS A 68 -7.52 3.84 -24.02
CA LYS A 68 -6.64 4.80 -23.37
C LYS A 68 -5.18 4.50 -23.65
N ARG A 69 -4.81 3.22 -23.66
CA ARG A 69 -3.42 2.85 -23.93
C ARG A 69 -3.01 3.23 -25.35
N LEU A 70 -3.90 3.04 -26.32
CA LEU A 70 -3.59 3.41 -27.70
C LEU A 70 -3.37 4.92 -27.82
N TRP A 71 -4.23 5.72 -27.19
CA TRP A 71 -4.08 7.16 -27.25
C TRP A 71 -2.82 7.61 -26.51
N ALA A 72 -2.50 6.98 -25.38
CA ALA A 72 -1.28 7.31 -24.66
C ALA A 72 -0.05 7.02 -25.51
N THR A 73 -0.04 5.88 -26.21
CA THR A 73 1.06 5.55 -27.09
C THR A 73 1.17 6.56 -28.23
N LEU A 74 0.03 6.93 -28.83
CA LEU A 74 0.05 7.89 -29.92
C LEU A 74 0.56 9.25 -29.46
N LEU A 75 0.22 9.65 -28.24
CA LEU A 75 0.68 10.93 -27.72
C LEU A 75 2.14 10.89 -27.29
N THR A 76 2.63 9.74 -26.86
CA THR A 76 4.05 9.60 -26.51
C THR A 76 4.94 9.45 -27.74
N LEU A 77 4.38 9.02 -28.87
CA LEU A 77 5.18 8.81 -30.07
C LEU A 77 5.99 10.03 -30.51
N PRO A 78 5.48 11.29 -30.47
CA PRO A 78 6.31 12.43 -30.90
C PRO A 78 7.67 12.55 -30.22
N LEU A 79 7.92 11.78 -29.17
CA LEU A 79 9.24 11.77 -28.55
C LEU A 79 10.31 11.21 -29.47
N ALA A 80 9.92 10.49 -30.52
CA ALA A 80 10.87 9.88 -31.44
C ALA A 80 11.40 10.85 -32.48
N VAL A 81 10.79 12.01 -32.65
CA VAL A 81 11.19 12.96 -33.68
C VAL A 81 12.22 13.90 -33.07
N PRO A 82 13.44 13.96 -33.60
CA PRO A 82 14.42 14.91 -33.10
C PRO A 82 14.03 16.35 -33.45
N GLY A 83 14.66 17.29 -32.75
CA GLY A 83 14.35 18.69 -32.98
C GLY A 83 14.78 19.18 -34.35
N TYR A 84 15.96 18.77 -34.81
CA TYR A 84 16.43 19.21 -36.12
C TYR A 84 15.58 18.64 -37.24
N VAL A 85 15.06 17.42 -37.07
CA VAL A 85 14.17 16.85 -38.08
C VAL A 85 12.89 17.66 -38.18
N GLY A 86 12.32 18.05 -37.03
CA GLY A 86 11.13 18.88 -37.06
C GLY A 86 11.38 20.26 -37.66
N ALA A 87 12.53 20.86 -37.32
CA ALA A 87 12.87 22.15 -37.91
C ALA A 87 13.06 22.04 -39.43
N TYR A 88 13.70 20.96 -39.89
CA TYR A 88 13.87 20.74 -41.31
C TYR A 88 12.53 20.54 -42.01
N VAL A 89 11.62 19.79 -41.39
CA VAL A 89 10.28 19.59 -41.96
C VAL A 89 9.54 20.92 -42.04
N LEU A 90 9.62 21.73 -40.99
CA LEU A 90 8.95 23.03 -41.01
C LEU A 90 9.53 23.95 -42.09
N LEU A 91 10.85 23.95 -42.25
CA LEU A 91 11.47 24.79 -43.25
C LEU A 91 11.11 24.34 -44.66
N SER A 92 11.10 23.02 -44.90
CA SER A 92 10.85 22.50 -46.25
C SER A 92 9.38 22.56 -46.63
N ALA A 93 8.48 22.45 -45.66
CA ALA A 93 7.05 22.38 -45.94
C ALA A 93 6.37 23.73 -45.93
N THR A 94 7.12 24.82 -45.80
CA THR A 94 6.57 26.17 -45.79
C THR A 94 7.39 27.05 -46.72
N GLY A 95 6.98 28.31 -46.82
CA GLY A 95 7.72 29.30 -47.59
C GLY A 95 7.56 29.10 -49.08
N PRO A 96 8.41 29.79 -49.86
CA PRO A 96 8.36 29.64 -51.32
C PRO A 96 8.86 28.26 -51.74
N GLY A 97 8.11 27.60 -52.62
CA GLY A 97 8.47 26.28 -53.08
C GLY A 97 8.18 25.17 -52.10
N GLY A 98 7.46 25.44 -51.02
CA GLY A 98 7.18 24.44 -50.03
C GLY A 98 5.99 23.57 -50.40
N LEU A 99 5.77 22.53 -49.57
CA LEU A 99 4.64 21.63 -49.78
C LEU A 99 3.33 22.34 -49.50
N LEU A 100 3.29 23.21 -48.49
CA LEU A 100 2.08 23.91 -48.11
C LEU A 100 2.15 25.37 -48.54
N PRO A 101 1.00 25.98 -48.86
CA PRO A 101 0.98 27.40 -49.27
C PRO A 101 0.96 28.35 -48.07
N LEU A 102 2.01 28.28 -47.25
CA LEU A 102 2.13 29.15 -46.09
C LEU A 102 3.54 29.76 -46.05
N PRO A 103 3.66 31.00 -45.60
CA PRO A 103 4.99 31.60 -45.45
C PRO A 103 5.70 31.03 -44.22
N ARG A 104 7.03 31.11 -44.26
CA ARG A 104 7.82 30.62 -43.14
C ARG A 104 7.64 31.56 -41.94
N PRO A 105 7.30 31.03 -40.77
CA PRO A 105 7.10 31.91 -39.60
C PRO A 105 8.41 32.49 -39.09
N GLU A 106 8.33 33.31 -38.05
CA GLU A 106 9.53 33.88 -37.47
C GLU A 106 10.36 32.78 -36.81
N GLY A 107 11.59 33.14 -36.43
CA GLY A 107 12.45 32.18 -35.76
C GLY A 107 11.89 31.74 -34.42
N TYR A 108 11.22 32.66 -33.72
CA TYR A 108 10.67 32.33 -32.41
C TYR A 108 9.51 31.36 -32.52
N TRP A 109 8.59 31.60 -33.46
CA TRP A 109 7.35 30.84 -33.50
C TRP A 109 7.56 29.42 -34.01
N GLY A 110 8.39 29.26 -35.05
CA GLY A 110 8.67 27.91 -35.53
C GLY A 110 9.40 27.08 -34.49
N ALA A 111 10.40 27.67 -33.82
CA ALA A 111 11.10 26.96 -32.77
C ALA A 111 10.17 26.62 -31.62
N LEU A 112 9.29 27.56 -31.23
CA LEU A 112 8.33 27.30 -30.17
C LEU A 112 7.41 26.13 -30.53
N LEU A 113 6.90 26.14 -31.76
CA LEU A 113 5.98 25.08 -32.20
C LEU A 113 6.67 23.73 -32.18
N VAL A 114 7.85 23.63 -32.80
CA VAL A 114 8.55 22.36 -32.88
C VAL A 114 8.94 21.87 -31.49
N LEU A 115 9.49 22.76 -30.67
CA LEU A 115 9.96 22.36 -29.34
C LEU A 115 8.79 21.94 -28.45
N GLY A 116 7.66 22.65 -28.50
CA GLY A 116 6.51 22.21 -27.74
C GLY A 116 6.00 20.86 -28.21
N LEU A 117 5.91 20.68 -29.53
CA LEU A 117 5.40 19.42 -30.06
C LEU A 117 6.30 18.24 -29.71
N ILE A 118 7.61 18.47 -29.59
CA ILE A 118 8.52 17.37 -29.27
C ILE A 118 8.81 17.23 -27.79
N THR A 119 8.44 18.22 -26.96
CA THR A 119 8.74 18.16 -25.54
C THR A 119 7.52 18.01 -24.64
N TYR A 120 6.30 18.11 -25.17
CA TYR A 120 5.15 17.94 -24.29
C TYR A 120 5.00 16.53 -23.72
N PRO A 121 5.41 15.43 -24.39
CA PRO A 121 5.16 14.10 -23.81
C PRO A 121 5.76 13.87 -22.44
N TYR A 122 6.84 14.57 -22.07
CA TYR A 122 7.38 14.44 -20.73
C TYR A 122 6.37 14.91 -19.69
N LEU A 123 5.83 16.11 -19.88
CA LEU A 123 4.78 16.61 -18.98
C LEU A 123 3.54 15.74 -19.05
N PHE A 124 3.21 15.25 -20.24
CA PHE A 124 2.04 14.38 -20.39
C PHE A 124 2.19 13.12 -19.55
N LEU A 125 3.36 12.47 -19.63
CA LEU A 125 3.59 11.26 -18.85
C LEU A 125 3.60 11.54 -17.36
N ALA A 126 4.24 12.64 -16.94
CA ALA A 126 4.26 12.98 -15.53
C ALA A 126 2.86 13.24 -15.00
N LEU A 127 2.04 13.98 -15.75
CA LEU A 127 0.69 14.28 -15.31
C LEU A 127 -0.18 13.04 -15.31
N ARG A 128 0.01 12.14 -16.28
CA ARG A 128 -0.73 10.88 -16.29
C ARG A 128 -0.38 10.05 -15.06
N ALA A 129 0.90 9.96 -14.72
CA ALA A 129 1.30 9.21 -13.52
C ALA A 129 0.72 9.85 -12.26
N ALA A 130 0.75 11.18 -12.17
CA ALA A 130 0.19 11.86 -11.00
C ALA A 130 -1.30 11.62 -10.88
N PHE A 131 -2.02 11.67 -12.01
CA PHE A 131 -3.45 11.39 -11.99
C PHE A 131 -3.72 9.96 -11.56
N LEU A 132 -2.91 9.00 -12.04
CA LEU A 132 -3.10 7.61 -11.64
C LEU A 132 -2.71 7.35 -10.20
N GLY A 133 -1.89 8.21 -9.60
CA GLY A 133 -1.38 7.95 -8.26
C GLY A 133 -2.16 8.58 -7.14
N VAL A 134 -3.41 8.97 -7.37
CA VAL A 134 -4.22 9.61 -6.35
C VAL A 134 -5.25 8.61 -5.83
N ASP A 135 -5.67 8.83 -4.59
CA ASP A 135 -6.69 7.99 -3.97
C ASP A 135 -8.07 8.57 -4.25
N PRO A 136 -8.96 7.86 -4.95
CA PRO A 136 -10.29 8.42 -5.23
C PRO A 136 -11.09 8.72 -3.99
N SER A 137 -10.80 8.04 -2.87
CA SER A 137 -11.50 8.34 -1.62
C SER A 137 -11.23 9.76 -1.17
N VAL A 138 -10.09 10.33 -1.54
CA VAL A 138 -9.78 11.71 -1.14
C VAL A 138 -10.72 12.69 -1.85
N GLU A 139 -10.90 12.52 -3.17
CA GLU A 139 -11.85 13.36 -3.89
C GLU A 139 -13.27 13.10 -3.42
N GLU A 140 -13.61 11.84 -3.13
CA GLU A 140 -14.95 11.55 -2.62
C GLU A 140 -15.20 12.23 -1.28
N ALA A 141 -14.20 12.22 -0.39
CA ALA A 141 -14.34 12.91 0.89
C ALA A 141 -14.46 14.41 0.70
N ALA A 142 -13.68 14.97 -0.22
CA ALA A 142 -13.80 16.40 -0.53
C ALA A 142 -15.18 16.74 -1.05
N ARG A 143 -15.78 15.83 -1.82
CA ARG A 143 -17.09 16.07 -2.40
C ARG A 143 -18.21 15.90 -1.38
N THR A 144 -18.05 14.99 -0.41
CA THR A 144 -19.07 14.84 0.63
C THR A 144 -19.07 16.00 1.60
N LEU A 145 -17.99 16.79 1.65
CA LEU A 145 -17.94 17.95 2.54
C LEU A 145 -18.59 19.17 1.93
N GLY A 146 -19.01 19.11 0.66
CA GLY A 146 -19.76 20.20 0.06
C GLY A 146 -19.05 20.91 -1.07
N HIS A 147 -18.18 20.19 -1.78
CA HIS A 147 -17.36 20.81 -2.82
C HIS A 147 -17.72 20.22 -4.18
N PRO A 148 -18.21 21.03 -5.12
CA PRO A 148 -18.50 20.53 -6.46
C PRO A 148 -17.23 20.05 -7.15
N PRO A 149 -17.36 19.21 -8.19
CA PRO A 149 -16.16 18.57 -8.77
C PRO A 149 -15.10 19.55 -9.25
N TRP A 150 -15.50 20.72 -9.78
CA TRP A 150 -14.50 21.68 -10.23
C TRP A 150 -13.70 22.25 -9.07
N ARG A 151 -14.37 22.57 -7.96
CA ARG A 151 -13.64 23.06 -6.79
C ARG A 151 -12.86 21.93 -6.12
N VAL A 152 -13.32 20.68 -6.27
CA VAL A 152 -12.52 19.54 -5.83
C VAL A 152 -11.22 19.47 -6.61
N PHE A 153 -11.30 19.61 -7.94
CA PHE A 153 -10.10 19.61 -8.75
C PHE A 153 -9.18 20.78 -8.38
N LEU A 154 -9.76 21.96 -8.16
CA LEU A 154 -8.95 23.12 -7.80
C LEU A 154 -8.23 22.93 -6.48
N ARG A 155 -8.91 22.35 -5.49
CA ARG A 155 -8.39 22.33 -4.12
C ARG A 155 -7.91 20.96 -3.65
N VAL A 156 -8.06 19.91 -4.45
CA VAL A 156 -7.62 18.59 -4.03
C VAL A 156 -6.68 17.96 -5.06
N THR A 157 -7.13 17.89 -6.32
CA THR A 157 -6.36 17.20 -7.34
C THR A 157 -5.13 18.02 -7.77
N LEU A 158 -5.31 19.32 -7.95
CA LEU A 158 -4.21 20.15 -8.43
C LEU A 158 -3.01 20.19 -7.48
N PRO A 159 -3.16 20.31 -6.15
CA PRO A 159 -1.98 20.25 -5.28
C PRO A 159 -1.21 18.94 -5.40
N GLN A 160 -1.90 17.83 -5.66
CA GLN A 160 -1.20 16.57 -5.89
C GLN A 160 -0.59 16.50 -7.28
N LEU A 161 -1.16 17.22 -8.25
CA LEU A 161 -0.57 17.30 -9.58
C LEU A 161 0.69 18.16 -9.59
N LEU A 162 0.81 19.10 -8.65
CA LEU A 162 1.91 20.06 -8.68
C LEU A 162 3.30 19.43 -8.76
N PRO A 163 3.66 18.38 -8.02
CA PRO A 163 5.00 17.80 -8.20
C PRO A 163 5.26 17.28 -9.61
N ALA A 164 4.24 16.70 -10.25
CA ALA A 164 4.39 16.28 -11.64
C ALA A 164 4.59 17.48 -12.55
N PHE A 165 3.90 18.58 -12.26
CA PHE A 165 4.11 19.81 -13.01
C PHE A 165 5.55 20.28 -12.89
N LEU A 166 6.10 20.26 -11.67
CA LEU A 166 7.48 20.68 -11.49
C LEU A 166 8.46 19.78 -12.23
N SER A 167 8.25 18.47 -12.16
CA SER A 167 9.16 17.54 -12.83
C SER A 167 9.11 17.72 -14.35
N GLY A 168 7.90 17.74 -14.91
CA GLY A 168 7.77 17.94 -16.35
C GLY A 168 8.30 19.28 -16.81
N TYR A 169 8.06 20.33 -16.02
CA TYR A 169 8.57 21.64 -16.36
C TYR A 169 10.08 21.68 -16.34
N LEU A 170 10.71 21.01 -15.36
CA LEU A 170 12.16 20.95 -15.34
C LEU A 170 12.69 20.22 -16.56
N VAL A 171 12.08 19.09 -16.91
CA VAL A 171 12.56 18.34 -18.07
C VAL A 171 12.44 19.17 -19.35
N ILE A 172 11.29 19.82 -19.53
CA ILE A 172 11.06 20.62 -20.74
C ILE A 172 12.01 21.81 -20.78
N ALA A 173 12.21 22.48 -19.65
CA ALA A 173 13.10 23.64 -19.62
C ALA A 173 14.54 23.23 -19.89
N LEU A 174 14.97 22.08 -19.35
CA LEU A 174 16.31 21.59 -19.64
C LEU A 174 16.47 21.26 -21.13
N HIS A 175 15.44 20.65 -21.72
CA HIS A 175 15.49 20.34 -23.15
C HIS A 175 15.56 21.61 -23.99
N VAL A 176 14.83 22.65 -23.59
CA VAL A 176 14.87 23.90 -24.34
C VAL A 176 16.22 24.59 -24.17
N LEU A 177 16.78 24.56 -22.96
CA LEU A 177 18.09 25.15 -22.72
C LEU A 177 19.16 24.46 -23.55
N GLY A 178 19.16 23.12 -23.55
CA GLY A 178 20.18 22.38 -24.26
C GLY A 178 19.93 22.15 -25.73
N ASP A 179 18.80 22.60 -26.25
CA ASP A 179 18.49 22.37 -27.66
C ASP A 179 19.35 23.24 -28.55
N PHE A 180 19.86 22.66 -29.61
CA PHE A 180 20.72 23.35 -30.56
C PHE A 180 20.25 23.20 -32.00
N GLY A 181 19.72 22.04 -32.38
CA GLY A 181 19.35 21.83 -33.77
C GLY A 181 18.18 22.69 -34.20
N THR A 182 17.14 22.77 -33.38
CA THR A 182 15.94 23.52 -33.76
C THR A 182 16.22 25.01 -33.87
N VAL A 183 16.92 25.57 -32.89
CA VAL A 183 17.19 27.01 -32.90
C VAL A 183 18.19 27.37 -33.98
N SER A 184 19.13 26.47 -34.29
CA SER A 184 20.12 26.76 -35.32
C SER A 184 19.52 26.67 -36.71
N LEU A 185 18.68 25.65 -36.96
CA LEU A 185 18.10 25.50 -38.28
C LEU A 185 17.09 26.61 -38.58
N LEU A 186 16.40 27.10 -37.56
CA LEU A 186 15.47 28.22 -37.70
C LEU A 186 16.12 29.56 -37.40
N ARG A 187 17.43 29.58 -37.13
CA ARG A 187 18.19 30.81 -36.92
C ARG A 187 17.62 31.63 -35.76
N TYR A 188 17.37 30.96 -34.64
CA TYR A 188 16.93 31.63 -33.41
C TYR A 188 18.11 31.72 -32.45
N GLU A 189 18.31 32.90 -31.86
CA GLU A 189 19.54 33.22 -31.16
C GLU A 189 19.37 32.98 -29.66
N THR A 190 19.62 31.75 -29.24
CA THR A 190 19.69 31.38 -27.84
C THR A 190 21.15 31.26 -27.42
N PHE A 191 21.40 30.77 -26.20
CA PHE A 191 22.79 30.55 -25.78
C PHE A 191 23.48 29.49 -26.62
N SER A 192 22.80 28.37 -26.90
CA SER A 192 23.45 27.29 -27.64
C SER A 192 23.83 27.73 -29.05
N TYR A 193 22.91 28.43 -29.73
CA TYR A 193 23.23 28.92 -31.07
C TYR A 193 24.39 29.90 -31.02
N ALA A 194 24.43 30.77 -30.01
CA ALA A 194 25.52 31.72 -29.88
C ALA A 194 26.84 31.01 -29.62
N ILE A 195 26.83 29.98 -28.78
CA ILE A 195 28.04 29.22 -28.50
C ILE A 195 28.57 28.56 -29.78
N TYR A 196 27.67 27.95 -30.56
CA TYR A 196 28.09 27.33 -31.81
C TYR A 196 28.64 28.37 -32.77
N LEU A 197 28.00 29.53 -32.85
CA LEU A 197 28.47 30.58 -33.77
C LEU A 197 29.85 31.10 -33.35
N GLN A 198 30.07 31.29 -32.05
CA GLN A 198 31.36 31.81 -31.61
C GLN A 198 32.46 30.78 -31.78
N TYR A 199 32.17 29.51 -31.49
CA TYR A 199 33.20 28.48 -31.61
C TYR A 199 33.55 28.23 -33.08
N SER A 200 32.53 28.10 -33.93
CA SER A 200 32.77 27.72 -35.32
C SER A 200 32.95 28.93 -36.23
N ALA A 201 31.94 29.81 -36.29
CA ALA A 201 31.96 30.89 -37.26
C ALA A 201 32.93 31.99 -36.84
N ALA A 202 32.71 32.59 -35.67
CA ALA A 202 33.51 33.74 -35.26
C ALA A 202 34.89 33.37 -34.77
N PHE A 203 35.12 32.10 -34.41
CA PHE A 203 36.40 31.65 -33.86
C PHE A 203 36.80 32.48 -32.65
N ASP A 204 35.96 32.40 -31.62
CA ASP A 204 36.04 33.23 -30.42
C ASP A 204 35.95 32.36 -29.17
N ARG A 205 36.80 31.33 -29.13
CA ARG A 205 36.69 30.26 -28.13
C ARG A 205 36.48 30.78 -26.71
N VAL A 206 37.11 31.91 -26.37
CA VAL A 206 37.00 32.42 -25.00
C VAL A 206 35.57 32.90 -24.72
N TYR A 207 34.98 33.64 -25.66
CA TYR A 207 33.60 34.11 -25.46
C TYR A 207 32.62 32.94 -25.52
N ALA A 208 32.93 31.93 -26.33
CA ALA A 208 32.11 30.71 -26.33
C ALA A 208 32.16 30.02 -24.98
N ALA A 209 33.35 29.96 -24.36
CA ALA A 209 33.47 29.37 -23.03
C ALA A 209 32.70 30.18 -22.00
N TRP A 210 32.73 31.50 -22.11
CA TRP A 210 31.97 32.33 -21.18
C TRP A 210 30.46 32.11 -21.34
N LEU A 211 29.99 32.01 -22.58
CA LEU A 211 28.58 31.73 -22.82
C LEU A 211 28.20 30.35 -22.28
N ALA A 212 29.09 29.37 -22.44
CA ALA A 212 28.85 28.06 -21.86
C ALA A 212 28.75 28.12 -20.34
N LEU A 213 29.62 28.93 -19.71
CA LEU A 213 29.53 29.11 -18.27
C LEU A 213 28.20 29.73 -17.86
N PHE A 214 27.74 30.73 -18.62
CA PHE A 214 26.42 31.30 -18.35
C PHE A 214 25.34 30.24 -18.46
N LEU A 215 25.44 29.36 -19.45
CA LEU A 215 24.42 28.33 -19.66
C LEU A 215 24.43 27.32 -18.51
N LEU A 216 25.61 26.89 -18.06
CA LEU A 216 25.66 26.02 -16.88
C LEU A 216 25.17 26.72 -15.62
N LEU A 217 25.41 28.03 -15.49
CA LEU A 217 24.85 28.74 -14.34
C LEU A 217 23.32 28.71 -14.38
N LEU A 218 22.73 28.92 -15.55
CA LEU A 218 21.28 28.82 -15.67
C LEU A 218 20.78 27.41 -15.34
N THR A 219 21.49 26.39 -15.84
CA THR A 219 21.08 25.02 -15.55
C THR A 219 21.16 24.72 -14.06
N GLY A 220 22.23 25.15 -13.39
CA GLY A 220 22.34 24.94 -11.96
C GLY A 220 21.29 25.69 -11.17
N SER A 221 20.99 26.92 -11.56
CA SER A 221 19.95 27.68 -10.89
C SER A 221 18.59 27.01 -11.05
N LEU A 222 18.29 26.51 -12.25
CA LEU A 222 17.04 25.80 -12.46
C LEU A 222 16.96 24.54 -11.61
N LEU A 223 18.05 23.78 -11.53
CA LEU A 223 18.05 22.58 -10.71
C LEU A 223 17.85 22.92 -9.23
N LEU A 224 18.53 23.96 -8.75
CA LEU A 224 18.37 24.37 -7.36
C LEU A 224 16.94 24.84 -7.08
N LEU A 225 16.36 25.61 -7.99
CA LEU A 225 14.99 26.06 -7.82
C LEU A 225 14.02 24.88 -7.78
N GLU A 226 14.21 23.91 -8.66
CA GLU A 226 13.35 22.74 -8.67
C GLU A 226 13.49 21.95 -7.36
N ALA A 227 14.71 21.79 -6.86
CA ALA A 227 14.91 21.08 -5.61
C ALA A 227 14.25 21.82 -4.45
N ALA A 228 14.38 23.14 -4.40
CA ALA A 228 13.77 23.91 -3.32
C ALA A 228 12.25 23.82 -3.38
N LEU A 229 11.66 23.94 -4.57
CA LEU A 229 10.22 23.82 -4.70
C LEU A 229 9.74 22.43 -4.34
N LEU A 230 10.48 21.39 -4.74
CA LEU A 230 10.09 20.03 -4.41
C LEU A 230 10.15 19.78 -2.91
N ARG A 231 11.17 20.31 -2.23
CA ARG A 231 11.23 20.16 -0.78
C ARG A 231 10.17 20.99 -0.08
N ARG A 232 9.72 22.09 -0.71
CA ARG A 232 8.66 22.90 -0.12
C ARG A 232 7.32 22.16 -0.13
N LEU A 233 7.02 21.44 -1.21
CA LEU A 233 5.73 20.80 -1.42
C LEU A 233 5.91 19.31 -1.69
N SER A 234 6.75 18.67 -0.86
CA SER A 234 7.01 17.24 -1.03
C SER A 234 5.73 16.42 -0.89
N LEU A 235 4.90 16.75 0.09
CA LEU A 235 3.57 16.19 0.34
C LEU A 235 3.64 14.75 0.85
N GLY A 236 4.81 14.13 0.88
CA GLY A 236 4.95 12.77 1.36
C GLY A 236 4.26 11.75 0.48
N ARG A 240 -0.95 6.84 -2.33
CA ARG A 240 -1.51 6.04 -3.41
C ARG A 240 -2.94 5.63 -3.11
N GLY A 241 -3.16 5.10 -1.91
CA GLY A 241 -4.49 4.65 -1.52
C GLY A 241 -5.01 3.50 -2.37
N ALA A 242 -4.13 2.58 -2.75
CA ALA A 242 -4.45 1.37 -3.51
C ALA A 242 -4.83 1.69 -4.95
N ALA A 243 -4.96 2.98 -5.27
CA ALA A 243 -5.24 3.44 -6.63
C ALA A 243 -6.43 2.70 -7.25
N ARG A 244 -7.51 2.59 -6.48
CA ARG A 244 -8.68 1.88 -6.96
C ARG A 244 -9.38 2.67 -8.05
N THR A 245 -10.24 1.99 -8.80
CA THR A 245 -10.92 2.60 -9.93
C THR A 245 -12.16 3.36 -9.46
N SER A 246 -12.35 4.55 -10.00
CA SER A 246 -13.50 5.40 -9.74
C SER A 246 -14.30 5.58 -11.03
N PRO A 247 -15.60 5.76 -10.94
CA PRO A 247 -16.43 5.92 -12.15
C PRO A 247 -15.98 7.12 -12.95
N PRO A 248 -15.54 6.91 -14.19
CA PRO A 248 -15.06 8.03 -15.01
C PRO A 248 -16.19 8.95 -15.42
N ALA A 249 -15.81 10.21 -15.66
CA ALA A 249 -16.78 11.22 -16.07
C ALA A 249 -17.25 10.94 -17.49
N ARG A 250 -18.57 10.94 -17.69
CA ARG A 250 -19.13 10.63 -18.99
C ARG A 250 -18.95 11.80 -19.96
N LEU A 251 -18.74 11.48 -21.22
CA LEU A 251 -18.59 12.49 -22.27
C LEU A 251 -19.91 12.78 -22.98
N GLY A 252 -20.51 11.76 -23.58
CA GLY A 252 -21.73 11.93 -24.31
C GLY A 252 -21.48 12.41 -25.73
N PRO A 253 -21.91 13.64 -26.03
CA PRO A 253 -21.66 14.22 -27.35
C PRO A 253 -20.27 14.78 -27.55
N LEU A 254 -19.43 14.74 -26.52
CA LEU A 254 -18.07 15.24 -26.61
C LEU A 254 -17.06 14.16 -26.98
N ALA A 255 -17.51 12.92 -27.18
CA ALA A 255 -16.59 11.86 -27.57
C ALA A 255 -15.92 12.10 -28.92
N PRO A 256 -16.64 12.45 -30.00
CA PRO A 256 -15.93 12.75 -31.25
C PRO A 256 -15.00 13.95 -31.16
N LEU A 257 -15.36 14.95 -30.35
CA LEU A 257 -14.52 16.14 -30.23
C LEU A 257 -13.21 15.82 -29.52
N ALA A 258 -13.30 15.14 -28.37
CA ALA A 258 -12.09 14.85 -27.60
C ALA A 258 -11.10 14.04 -28.41
N HIS A 259 -11.59 13.03 -29.13
CA HIS A 259 -10.72 12.26 -30.02
C HIS A 259 -9.97 13.18 -30.98
N LEU A 260 -10.66 14.17 -31.53
CA LEU A 260 -10.01 15.14 -32.41
C LEU A 260 -8.88 15.85 -31.68
N PHE A 261 -9.14 16.30 -30.45
CA PHE A 261 -8.08 16.94 -29.68
C PHE A 261 -6.94 15.98 -29.39
N LEU A 262 -7.22 14.68 -29.31
CA LEU A 262 -6.17 13.70 -29.08
C LEU A 262 -5.47 13.31 -30.37
N LEU A 263 -5.89 13.84 -31.51
CA LEU A 263 -5.28 13.52 -32.80
C LEU A 263 -4.45 14.67 -33.37
N LEU A 264 -4.72 15.91 -32.99
CA LEU A 264 -3.94 17.03 -33.50
C LEU A 264 -2.46 16.94 -33.19
N PRO A 265 -2.03 16.58 -31.97
CA PRO A 265 -0.58 16.44 -31.74
C PRO A 265 0.06 15.36 -32.61
N PHE A 266 -0.47 14.13 -32.56
CA PHE A 266 0.14 13.03 -33.31
C PHE A 266 0.20 13.33 -34.80
N LEU A 267 -0.87 13.91 -35.34
CA LEU A 267 -0.86 14.27 -36.76
C LEU A 267 0.22 15.31 -37.05
N LEU A 268 0.40 16.28 -36.15
CA LEU A 268 1.33 17.37 -36.42
C LEU A 268 2.78 16.95 -36.25
N ALA A 269 3.08 16.04 -35.32
CA ALA A 269 4.45 15.72 -34.99
C ALA A 269 4.94 14.40 -35.57
N VAL A 270 4.04 13.53 -36.05
CA VAL A 270 4.45 12.21 -36.53
C VAL A 270 3.98 11.98 -37.95
N ALA A 271 2.67 12.07 -38.18
CA ALA A 271 2.11 11.73 -39.49
C ALA A 271 2.52 12.74 -40.55
N PHE A 272 2.35 14.04 -40.26
CA PHE A 272 2.73 15.06 -41.23
C PHE A 272 4.23 15.07 -41.51
N PRO A 273 5.14 14.96 -40.53
CA PRO A 273 6.56 14.84 -40.89
C PRO A 273 6.84 13.65 -41.79
N LEU A 274 6.21 12.51 -41.55
CA LEU A 274 6.43 11.34 -42.40
C LEU A 274 5.94 11.59 -43.81
N TYR A 275 4.75 12.20 -43.96
CA TYR A 275 4.25 12.50 -45.29
C TYR A 275 5.14 13.49 -46.01
N ALA A 276 5.61 14.52 -45.31
CA ALA A 276 6.50 15.50 -45.92
C ALA A 276 7.80 14.86 -46.37
N LEU A 277 8.38 14.00 -45.53
CA LEU A 277 9.64 13.34 -45.89
C LEU A 277 9.45 12.40 -47.08
N LEU A 278 8.33 11.67 -47.12
CA LEU A 278 8.08 10.78 -48.24
C LEU A 278 7.80 11.57 -49.52
N HIS A 279 7.18 12.74 -49.42
CA HIS A 279 6.98 13.58 -50.59
C HIS A 279 8.28 14.18 -51.08
N LEU A 280 9.18 14.52 -50.16
CA LEU A 280 10.46 15.13 -50.53
C LEU A 280 11.44 14.11 -51.10
N ALA A 281 11.43 12.88 -50.57
CA ALA A 281 12.40 11.87 -50.97
C ALA A 281 12.16 11.34 -52.37
N ARG A 282 11.04 11.70 -53.01
CA ARG A 282 10.80 11.24 -54.37
C ARG A 282 11.85 11.80 -55.33
N ARG A 283 12.23 13.05 -55.16
CA ARG A 283 13.30 13.65 -55.96
C ARG A 283 14.65 13.54 -55.28
N PHE A 284 15.01 12.31 -54.88
CA PHE A 284 16.29 12.06 -54.23
C PHE A 284 17.33 11.70 -55.28
N PRO A 285 18.40 12.48 -55.43
CA PRO A 285 19.39 12.19 -56.48
C PRO A 285 20.13 10.89 -56.19
N ALA A 286 20.30 10.07 -57.24
CA ALA A 286 20.99 8.81 -57.08
C ALA A 286 22.48 8.99 -56.81
N SER A 287 23.03 10.17 -57.10
CA SER A 287 24.44 10.43 -56.81
C SER A 287 24.70 10.44 -55.31
N ALA A 288 23.71 10.84 -54.52
CA ALA A 288 23.85 10.91 -53.07
C ALA A 288 23.61 9.58 -52.37
N THR A 289 23.30 8.52 -53.12
CA THR A 289 23.03 7.22 -52.50
C THR A 289 24.27 6.69 -51.78
N SER A 290 25.45 6.94 -52.33
CA SER A 290 26.69 6.43 -51.71
C SER A 290 26.94 7.05 -50.34
N GLY A 291 26.55 8.31 -50.15
CA GLY A 291 26.72 8.96 -48.86
C GLY A 291 25.70 8.60 -47.82
N LEU A 292 24.59 7.99 -48.22
CA LEU A 292 23.61 7.51 -47.25
C LEU A 292 24.09 6.25 -46.54
N ALA A 293 24.66 5.32 -47.30
CA ALA A 293 25.20 4.10 -46.70
C ALA A 293 26.36 4.39 -45.78
N GLU A 294 27.25 5.31 -46.18
CA GLU A 294 28.36 5.70 -45.33
C GLU A 294 27.87 6.33 -44.04
N ALA A 295 26.87 7.22 -44.14
CA ALA A 295 26.34 7.86 -42.94
C ALA A 295 25.69 6.85 -42.00
N LEU A 296 24.92 5.90 -42.56
CA LEU A 296 24.31 4.87 -41.71
C LEU A 296 25.37 4.01 -41.05
N GLY A 297 26.41 3.63 -41.79
CA GLY A 297 27.49 2.85 -41.20
C GLY A 297 28.22 3.59 -40.10
N HIS A 298 28.48 4.87 -40.31
CA HIS A 298 29.14 5.68 -39.27
C HIS A 298 28.26 5.80 -38.04
N ALA A 299 26.96 6.00 -38.23
CA ALA A 299 26.04 6.09 -37.10
C ALA A 299 26.01 4.78 -36.31
N LEU A 300 25.97 3.64 -37.01
CA LEU A 300 26.01 2.35 -36.32
C LEU A 300 27.32 2.15 -35.57
N LEU A 301 28.44 2.46 -36.22
CA LEU A 301 29.76 2.29 -35.63
C LEU A 301 29.96 3.16 -34.40
N VAL A 302 29.31 4.31 -34.34
CA VAL A 302 29.36 5.11 -33.12
C VAL A 302 28.37 4.61 -32.08
N ALA A 303 27.14 4.25 -32.49
CA ALA A 303 26.09 3.97 -31.53
C ALA A 303 26.29 2.64 -30.80
N LEU A 304 26.94 1.66 -31.45
CA LEU A 304 27.10 0.36 -30.79
C LEU A 304 28.00 0.45 -29.56
N PRO A 305 29.27 0.88 -29.67
CA PRO A 305 30.11 0.96 -28.46
C PRO A 305 29.56 1.91 -27.42
N VAL A 306 28.87 2.97 -27.83
CA VAL A 306 28.26 3.88 -26.87
C VAL A 306 27.22 3.16 -26.04
N ALA A 307 26.36 2.37 -26.68
CA ALA A 307 25.36 1.61 -25.94
C ALA A 307 26.01 0.60 -25.00
N PHE A 308 27.02 -0.13 -25.49
CA PHE A 308 27.66 -1.12 -24.65
C PHE A 308 28.35 -0.48 -23.44
N LEU A 309 29.03 0.64 -23.64
CA LEU A 309 29.72 1.31 -22.54
C LEU A 309 28.72 1.93 -21.57
N SER A 310 27.62 2.48 -22.09
CA SER A 310 26.60 3.05 -21.22
C SER A 310 26.00 1.98 -20.31
N VAL A 311 25.70 0.80 -20.87
CA VAL A 311 25.20 -0.29 -20.04
C VAL A 311 26.26 -0.77 -19.05
N GLY A 312 27.51 -0.89 -19.51
CA GLY A 312 28.58 -1.34 -18.65
C GLY A 312 28.90 -0.40 -17.51
N MET A 313 28.58 0.88 -17.66
CA MET A 313 28.71 1.81 -16.54
C MET A 313 27.43 1.91 -15.71
N ALA A 314 26.27 1.68 -16.31
CA ALA A 314 25.01 1.78 -15.59
C ALA A 314 24.78 0.59 -14.66
N LEU A 315 25.21 -0.61 -15.07
CA LEU A 315 24.97 -1.78 -14.23
C LEU A 315 25.64 -1.67 -12.87
N PRO A 316 26.95 -1.39 -12.75
CA PRO A 316 27.53 -1.24 -11.40
C PRO A 316 26.92 -0.11 -10.60
N ILE A 317 26.58 1.01 -11.24
CA ILE A 317 26.02 2.14 -10.50
C ILE A 317 24.68 1.76 -9.90
N ALA A 318 23.81 1.15 -10.70
CA ALA A 318 22.50 0.74 -10.21
C ALA A 318 22.62 -0.34 -9.13
N TYR A 319 23.53 -1.30 -9.33
CA TYR A 319 23.70 -2.37 -8.35
C TYR A 319 24.18 -1.82 -7.01
N LEU A 320 25.14 -0.90 -7.04
CA LEU A 320 25.60 -0.28 -5.79
C LEU A 320 24.52 0.59 -5.18
N ALA A 321 23.73 1.29 -6.00
CA ALA A 321 22.67 2.14 -5.46
C ALA A 321 21.60 1.31 -4.76
N SER A 322 21.27 0.14 -5.32
CA SER A 322 20.21 -0.68 -4.74
C SER A 322 20.73 -1.53 -3.58
N ARG A 323 21.70 -2.40 -3.85
CA ARG A 323 22.10 -3.40 -2.88
C ARG A 323 22.88 -2.80 -1.71
N TYR A 324 23.84 -1.92 -2.01
CA TYR A 324 24.73 -1.35 -1.00
C TYR A 324 24.67 0.17 -1.06
N PRO A 325 23.56 0.77 -0.61
CA PRO A 325 23.44 2.23 -0.69
C PRO A 325 24.42 2.93 0.24
N SER A 326 25.32 3.71 -0.34
CA SER A 326 26.31 4.47 0.41
C SER A 326 26.48 5.83 -0.27
N ALA A 327 27.29 6.70 0.34
CA ALA A 327 27.49 8.03 -0.22
C ALA A 327 28.02 7.97 -1.64
N ALA A 328 28.82 6.94 -1.96
CA ALA A 328 29.30 6.78 -3.32
C ALA A 328 28.15 6.60 -4.29
N SER A 329 27.09 5.90 -3.87
CA SER A 329 25.95 5.67 -4.74
C SER A 329 25.27 6.98 -5.12
N ARG A 330 24.94 7.81 -4.13
CA ARG A 330 24.31 9.09 -4.44
C ARG A 330 25.24 9.99 -5.25
N THR A 331 26.54 9.99 -4.93
CA THR A 331 27.45 10.84 -5.71
C THR A 331 27.50 10.39 -7.17
N LEU A 332 27.57 9.08 -7.41
CA LEU A 332 27.60 8.58 -8.79
C LEU A 332 26.29 8.89 -9.52
N GLU A 333 25.15 8.72 -8.84
CA GLU A 333 23.88 8.98 -9.48
C GLU A 333 23.71 10.47 -9.80
N ARG A 334 24.12 11.35 -8.90
CA ARG A 334 24.08 12.78 -9.19
C ARG A 334 25.02 13.15 -10.32
N LEU A 335 26.20 12.52 -10.36
CA LEU A 335 27.13 12.79 -11.46
C LEU A 335 26.53 12.37 -12.80
N ALA A 336 25.87 11.20 -12.85
CA ALA A 336 25.22 10.76 -14.07
C ALA A 336 24.09 11.72 -14.46
N TYR A 337 23.30 12.16 -13.49
CA TYR A 337 22.23 13.11 -13.79
C TYR A 337 22.76 14.42 -14.33
N LEU A 338 23.85 14.92 -13.74
CA LEU A 338 24.47 16.15 -14.26
C LEU A 338 25.02 15.95 -15.66
N ALA A 339 25.61 14.79 -15.93
CA ALA A 339 26.09 14.50 -17.28
C ALA A 339 24.95 14.52 -18.28
N TYR A 340 23.79 14.01 -17.88
CA TYR A 340 22.63 14.03 -18.79
C TYR A 340 22.03 15.42 -18.91
N ALA A 341 22.05 16.21 -17.84
CA ALA A 341 21.33 17.49 -17.81
C ALA A 341 22.14 18.66 -18.33
N ILE A 342 23.46 18.58 -18.33
CA ILE A 342 24.26 19.67 -18.90
C ILE A 342 23.94 19.79 -20.39
N PRO A 343 23.77 20.99 -20.93
CA PRO A 343 23.46 21.12 -22.36
C PRO A 343 24.53 20.46 -23.21
N PRO A 344 24.14 19.72 -24.24
CA PRO A 344 25.12 18.90 -24.98
C PRO A 344 26.23 19.72 -25.63
N LEU A 345 25.94 20.95 -26.06
CA LEU A 345 26.97 21.73 -26.74
C LEU A 345 28.03 22.22 -25.75
N ALA A 346 27.59 22.71 -24.58
CA ALA A 346 28.55 23.07 -23.53
C ALA A 346 29.28 21.85 -22.99
N TYR A 347 28.59 20.70 -22.92
CA TYR A 347 29.23 19.46 -22.53
C TYR A 347 30.35 19.08 -23.50
N ALA A 348 30.07 19.18 -24.80
CA ALA A 348 31.09 18.87 -25.80
C ALA A 348 32.24 19.87 -25.76
N LEU A 349 31.94 21.15 -25.51
CA LEU A 349 33.01 22.13 -25.38
C LEU A 349 33.89 21.84 -24.17
N ALA A 350 33.28 21.46 -23.04
CA ALA A 350 34.05 21.08 -21.87
C ALA A 350 34.94 19.88 -22.17
N TRP A 351 34.40 18.90 -22.90
CA TRP A 351 35.21 17.74 -23.29
C TRP A 351 36.37 18.14 -24.19
N ILE A 352 36.11 19.04 -25.15
CA ILE A 352 37.17 19.48 -26.05
C ILE A 352 38.28 20.18 -25.27
N PHE A 353 37.89 21.09 -24.38
CA PHE A 353 38.88 21.83 -23.60
C PHE A 353 39.68 20.90 -22.69
N PHE A 354 38.99 19.94 -22.04
CA PHE A 354 39.68 18.99 -21.17
C PHE A 354 40.66 18.14 -21.96
N SER A 355 40.23 17.63 -23.11
CA SER A 355 41.10 16.78 -23.91
C SER A 355 42.31 17.55 -24.43
N LEU A 356 42.12 18.80 -24.85
CA LEU A 356 43.26 19.60 -25.28
C LEU A 356 44.22 19.88 -24.13
N ARG A 357 43.68 20.14 -22.94
CA ARG A 357 44.54 20.49 -21.81
C ARG A 357 45.33 19.27 -21.32
N THR A 358 44.66 18.12 -21.17
CA THR A 358 45.22 16.98 -20.45
C THR A 358 45.63 15.84 -21.35
N LEU A 359 44.77 15.42 -22.29
CA LEU A 359 44.98 14.20 -23.07
C LEU A 359 44.91 14.54 -24.56
N PRO A 360 45.94 15.21 -25.10
CA PRO A 360 45.85 15.68 -26.49
C PRO A 360 45.70 14.58 -27.51
N PHE A 361 46.11 13.36 -27.21
CA PHE A 361 45.99 12.26 -28.17
C PHE A 361 44.55 11.82 -28.38
N LEU A 362 43.63 12.23 -27.50
CA LEU A 362 42.22 11.87 -27.65
C LEU A 362 41.44 12.87 -28.50
N TYR A 363 41.95 14.07 -28.70
CA TYR A 363 41.23 15.08 -29.46
C TYR A 363 41.17 14.71 -30.93
N GLY A 364 39.99 14.82 -31.53
CA GLY A 364 39.82 14.47 -32.92
C GLY A 364 39.78 12.99 -33.21
N THR A 365 39.45 12.17 -32.22
CA THR A 365 39.38 10.73 -32.37
C THR A 365 37.97 10.25 -32.10
N LEU A 366 37.69 9.00 -32.51
CA LEU A 366 36.41 8.38 -32.21
C LEU A 366 36.29 7.94 -30.76
N ALA A 367 37.42 7.69 -30.09
CA ALA A 367 37.37 7.28 -28.69
C ALA A 367 36.77 8.36 -27.81
N LEU A 368 37.18 9.62 -28.02
CA LEU A 368 36.65 10.71 -27.21
C LEU A 368 35.16 10.88 -27.43
N LEU A 369 34.71 10.81 -28.69
CA LEU A 369 33.29 10.93 -28.99
C LEU A 369 32.50 9.79 -28.37
N VAL A 370 33.01 8.56 -28.46
CA VAL A 370 32.31 7.41 -27.90
C VAL A 370 32.20 7.53 -26.39
N LEU A 371 33.29 7.94 -25.73
CA LEU A 371 33.28 8.10 -24.28
C LEU A 371 32.32 9.20 -23.85
N ALA A 372 32.32 10.34 -24.57
CA ALA A 372 31.43 11.44 -24.22
C ALA A 372 29.97 11.04 -24.41
N LEU A 373 29.66 10.33 -25.49
CA LEU A 373 28.28 9.89 -25.71
C LEU A 373 27.87 8.82 -24.72
N ALA A 374 28.80 7.96 -24.30
CA ALA A 374 28.48 6.96 -23.28
C ALA A 374 28.19 7.62 -21.95
N LEU A 375 28.93 8.66 -21.59
CA LEU A 375 28.65 9.37 -20.35
C LEU A 375 27.38 10.21 -20.45
N HIS A 376 27.07 10.72 -21.63
CA HIS A 376 25.87 11.54 -21.78
C HIS A 376 24.60 10.72 -21.68
N PHE A 377 24.63 9.47 -22.16
CA PHE A 377 23.46 8.58 -22.12
C PHE A 377 23.54 7.59 -20.96
N LEU A 378 24.19 7.98 -19.86
CA LEU A 378 24.28 7.10 -18.70
C LEU A 378 22.93 6.99 -17.99
N THR A 379 22.22 8.12 -17.85
CA THR A 379 20.91 8.09 -17.19
C THR A 379 19.87 7.37 -18.04
N GLU A 380 19.97 7.55 -19.36
CA GLU A 380 19.00 6.94 -20.26
C GLU A 380 19.02 5.43 -20.16
N SER A 381 20.21 4.83 -20.05
CA SER A 381 20.34 3.40 -19.80
C SER A 381 20.09 3.05 -18.34
N LEU A 382 20.45 3.93 -17.41
CA LEU A 382 20.33 3.65 -15.99
C LEU A 382 18.89 3.57 -15.52
N GLY A 383 17.96 4.18 -16.24
CA GLY A 383 16.56 4.10 -15.91
C GLY A 383 16.00 2.69 -15.81
N PRO A 384 15.97 1.98 -16.95
CA PRO A 384 15.45 0.60 -16.93
C PRO A 384 16.20 -0.34 -16.01
N VAL A 385 17.52 -0.18 -15.87
CA VAL A 385 18.27 -1.00 -14.92
C VAL A 385 17.81 -0.72 -13.50
N ARG A 386 17.58 0.56 -13.19
CA ARG A 386 17.04 0.92 -11.87
C ARG A 386 15.70 0.27 -11.63
N SER A 387 14.82 0.28 -12.63
CA SER A 387 13.50 -0.34 -12.47
C SER A 387 13.63 -1.84 -12.25
N ALA A 388 14.48 -2.50 -13.04
CA ALA A 388 14.64 -3.96 -12.91
C ALA A 388 15.21 -4.33 -11.54
N LEU A 389 16.17 -3.56 -11.04
CA LEU A 389 16.73 -3.87 -9.73
C LEU A 389 15.77 -3.52 -8.60
N ALA A 390 14.92 -2.51 -8.80
CA ALA A 390 13.94 -2.17 -7.77
C ALA A 390 12.83 -3.19 -7.72
N GLN A 391 12.56 -3.87 -8.83
CA GLN A 391 11.54 -4.91 -8.82
C GLN A 391 12.01 -6.20 -8.15
N VAL A 392 13.32 -6.34 -7.92
CA VAL A 392 13.87 -7.52 -7.23
C VAL A 392 14.75 -7.06 -6.07
N PRO A 393 14.22 -6.98 -4.86
CA PRO A 393 15.05 -6.60 -3.70
C PRO A 393 15.94 -7.76 -3.27
N PRO A 394 16.97 -7.48 -2.48
CA PRO A 394 17.81 -8.58 -1.96
C PRO A 394 17.08 -9.53 -1.02
N ARG A 395 15.95 -9.10 -0.45
CA ARG A 395 15.14 -10.02 0.36
C ARG A 395 14.67 -11.21 -0.47
N LEU A 396 14.46 -11.01 -1.78
CA LEU A 396 14.13 -12.13 -2.65
C LEU A 396 15.31 -13.09 -2.76
N GLU A 397 16.53 -12.57 -2.78
CA GLU A 397 17.69 -13.45 -2.79
C GLU A 397 17.81 -14.21 -1.48
N GLU A 398 17.47 -13.57 -0.35
CA GLU A 398 17.41 -14.29 0.92
C GLU A 398 16.37 -15.41 0.88
N ALA A 399 15.19 -15.12 0.32
CA ALA A 399 14.14 -16.13 0.21
C ALA A 399 14.60 -17.29 -0.65
N ALA A 400 15.31 -17.01 -1.74
CA ALA A 400 15.87 -18.07 -2.56
C ALA A 400 16.95 -18.85 -1.83
N ARG A 401 17.69 -18.19 -0.95
CA ARG A 401 18.72 -18.88 -0.18
C ARG A 401 18.11 -19.82 0.86
N THR A 402 16.95 -19.46 1.42
CA THR A 402 16.29 -20.38 2.35
C THR A 402 15.76 -21.62 1.65
N LEU A 403 15.51 -21.55 0.35
CA LEU A 403 14.94 -22.68 -0.38
C LEU A 403 15.97 -23.70 -0.84
N GLY A 404 17.27 -23.37 -0.78
CA GLY A 404 18.28 -24.33 -1.15
C GLY A 404 19.26 -23.83 -2.20
N ASP A 405 19.34 -22.52 -2.37
CA ASP A 405 20.16 -21.91 -3.42
C ASP A 405 21.36 -21.19 -2.81
N THR A 406 22.54 -21.46 -3.35
CA THR A 406 23.74 -20.72 -2.97
C THR A 406 23.63 -19.29 -3.45
N PRO A 407 24.44 -18.37 -2.91
CA PRO A 407 24.30 -16.96 -3.32
C PRO A 407 24.44 -16.74 -4.83
N THR A 408 25.33 -17.48 -5.48
CA THR A 408 25.45 -17.38 -6.93
C THR A 408 24.18 -17.85 -7.63
N ARG A 409 23.64 -18.99 -7.19
CA ARG A 409 22.41 -19.48 -7.80
C ARG A 409 21.21 -18.61 -7.43
N ALA A 410 21.21 -18.06 -6.21
CA ALA A 410 20.16 -17.12 -5.84
C ALA A 410 20.18 -15.88 -6.71
N PHE A 411 21.38 -15.42 -7.08
CA PHE A 411 21.49 -14.30 -8.02
C PHE A 411 21.03 -14.71 -9.42
N PHE A 412 21.51 -15.85 -9.90
CA PHE A 412 21.27 -16.25 -11.28
C PHE A 412 19.87 -16.79 -11.52
N ARG A 413 19.08 -17.03 -10.47
CA ARG A 413 17.72 -17.52 -10.62
C ARG A 413 16.66 -16.50 -10.22
N VAL A 414 17.04 -15.39 -9.59
CA VAL A 414 16.10 -14.38 -9.12
C VAL A 414 16.40 -13.02 -9.73
N THR A 415 17.67 -12.58 -9.66
CA THR A 415 18.06 -11.26 -10.10
C THR A 415 18.40 -11.20 -11.58
N PHE A 416 19.16 -12.16 -12.08
CA PHE A 416 19.62 -12.12 -13.47
C PHE A 416 18.49 -12.07 -14.50
N PRO A 417 17.41 -12.87 -14.40
CA PRO A 417 16.39 -12.82 -15.46
C PRO A 417 15.76 -11.46 -15.66
N LEU A 418 15.71 -10.62 -14.63
CA LEU A 418 15.25 -9.25 -14.82
C LEU A 418 16.39 -8.29 -15.10
N LEU A 419 17.57 -8.57 -14.55
CA LEU A 419 18.72 -7.69 -14.75
C LEU A 419 19.13 -7.63 -16.22
N TRP A 420 19.15 -8.78 -16.89
CA TRP A 420 19.57 -8.77 -18.29
C TRP A 420 18.53 -8.12 -19.19
N ARG A 421 17.24 -8.26 -18.86
CA ARG A 421 16.21 -7.57 -19.64
C ARG A 421 16.29 -6.06 -19.45
N GLY A 422 16.53 -5.61 -18.22
CA GLY A 422 16.74 -4.19 -17.99
C GLY A 422 17.97 -3.67 -18.71
N ALA A 423 19.05 -4.46 -18.72
CA ALA A 423 20.25 -4.07 -19.45
C ALA A 423 19.99 -3.97 -20.94
N ALA A 424 19.22 -4.90 -21.50
CA ALA A 424 18.89 -4.83 -22.92
C ALA A 424 18.06 -3.60 -23.24
N ALA A 425 17.08 -3.28 -22.39
CA ALA A 425 16.26 -2.09 -22.61
C ALA A 425 17.12 -0.82 -22.54
N GLY A 426 18.00 -0.73 -21.55
CA GLY A 426 18.87 0.44 -21.46
C GLY A 426 19.83 0.55 -22.63
N GLY A 427 20.34 -0.59 -23.11
CA GLY A 427 21.20 -0.57 -24.27
C GLY A 427 20.49 -0.10 -25.51
N SER A 428 19.24 -0.54 -25.70
CA SER A 428 18.45 -0.06 -26.83
C SER A 428 18.21 1.45 -26.72
N LEU A 429 17.90 1.93 -25.52
CA LEU A 429 17.66 3.36 -25.32
C LEU A 429 18.91 4.17 -25.67
N ALA A 430 20.07 3.74 -25.17
CA ALA A 430 21.31 4.45 -25.47
C ALA A 430 21.66 4.35 -26.95
N PHE A 431 21.34 3.21 -27.59
CA PHE A 431 21.59 3.03 -29.02
C PHE A 431 20.82 4.06 -29.83
N ILE A 432 19.51 4.17 -29.59
CA ILE A 432 18.74 5.15 -30.37
C ILE A 432 19.12 6.58 -29.98
N GLY A 433 19.50 6.80 -28.72
CA GLY A 433 19.96 8.14 -28.35
C GLY A 433 21.19 8.56 -29.11
N ALA A 434 22.17 7.66 -29.21
CA ALA A 434 23.42 7.96 -29.91
C ALA A 434 23.27 7.91 -31.43
N MET A 435 22.20 7.31 -31.94
CA MET A 435 21.97 7.30 -33.38
C MET A 435 21.54 8.67 -33.90
N LYS A 436 20.87 9.47 -33.07
CA LYS A 436 20.29 10.74 -33.49
C LYS A 436 20.77 11.89 -32.62
N GLU A 437 22.08 11.91 -32.32
CA GLU A 437 22.67 12.97 -31.50
C GLU A 437 23.36 13.96 -32.44
N LEU A 438 22.82 15.18 -32.51
CA LEU A 438 23.41 16.21 -33.35
C LEU A 438 24.58 16.94 -32.67
N PRO A 439 24.41 17.57 -31.49
CA PRO A 439 25.44 18.52 -31.02
C PRO A 439 26.78 17.89 -30.66
N ILE A 440 26.74 16.86 -29.83
CA ILE A 440 27.98 16.22 -29.38
C ILE A 440 28.70 15.59 -30.57
N THR A 441 27.96 14.90 -31.44
CA THR A 441 28.58 14.31 -32.62
C THR A 441 29.10 15.38 -33.57
N LEU A 442 28.36 16.47 -33.75
CA LEU A 442 28.80 17.53 -34.63
C LEU A 442 30.11 18.15 -34.13
N LEU A 443 30.23 18.34 -32.82
CA LEU A 443 31.34 19.11 -32.28
C LEU A 443 32.53 18.25 -31.87
N LEU A 444 32.34 16.94 -31.69
CA LEU A 444 33.41 16.06 -31.21
C LEU A 444 33.89 15.03 -32.23
N ALA A 445 33.15 14.80 -33.31
CA ALA A 445 33.55 13.80 -34.28
C ALA A 445 34.80 14.24 -35.03
N PRO A 446 35.56 13.28 -35.57
CA PRO A 446 36.72 13.64 -36.39
C PRO A 446 36.31 14.35 -37.66
N THR A 447 37.23 15.16 -38.18
CA THR A 447 36.98 15.85 -39.45
C THR A 447 36.78 14.82 -40.56
N GLY A 448 35.74 15.01 -41.36
CA GLY A 448 35.39 14.08 -42.40
C GLY A 448 34.53 12.91 -41.95
N PHE A 449 34.13 12.88 -40.68
CA PHE A 449 33.27 11.84 -40.14
C PHE A 449 31.87 12.42 -39.94
N SER A 450 30.89 11.83 -40.62
CA SER A 450 29.53 12.34 -40.59
C SER A 450 28.56 11.19 -40.40
N THR A 451 27.60 11.37 -39.50
CA THR A 451 26.52 10.43 -39.27
C THR A 451 25.24 10.97 -39.89
N LEU A 452 24.11 10.29 -39.67
CA LEU A 452 22.87 10.72 -40.30
C LEU A 452 22.44 12.11 -39.83
N ALA A 453 22.55 12.37 -38.52
CA ALA A 453 22.11 13.65 -37.98
C ALA A 453 22.94 14.80 -38.53
N THR A 454 24.26 14.62 -38.62
CA THR A 454 25.11 15.67 -39.16
C THR A 454 24.83 15.91 -40.64
N ARG A 455 24.53 14.85 -41.40
CA ARG A 455 24.17 15.04 -42.80
C ARG A 455 22.87 15.81 -42.94
N VAL A 456 21.87 15.50 -42.09
CA VAL A 456 20.61 16.25 -42.12
C VAL A 456 20.86 17.72 -41.81
N PHE A 457 21.65 17.98 -40.76
CA PHE A 457 21.94 19.35 -40.36
C PHE A 457 22.67 20.11 -41.47
N GLY A 458 23.69 19.48 -42.07
CA GLY A 458 24.45 20.15 -43.11
C GLY A 458 23.65 20.39 -44.37
N TYR A 459 22.81 19.42 -44.75
CA TYR A 459 21.99 19.60 -45.94
C TYR A 459 20.93 20.67 -45.73
N THR A 460 20.30 20.70 -44.55
CA THR A 460 19.32 21.73 -44.27
C THR A 460 19.95 23.10 -44.14
N GLN A 461 21.21 23.16 -43.70
CA GLN A 461 21.88 24.45 -43.58
C GLN A 461 22.16 25.06 -44.96
N GLU A 462 22.35 24.23 -45.98
CA GLU A 462 22.52 24.70 -47.35
C GLU A 462 21.25 24.50 -48.18
N ALA A 463 20.13 24.17 -47.54
CA ALA A 463 18.82 24.11 -48.18
C ALA A 463 18.76 23.08 -49.31
N MET A 464 19.14 21.85 -48.99
CA MET A 464 18.95 20.70 -49.87
C MET A 464 18.02 19.74 -49.15
N PHE A 465 16.70 19.96 -49.29
CA PHE A 465 15.73 19.18 -48.54
C PHE A 465 15.56 17.78 -49.10
N ALA A 466 15.50 17.66 -50.43
CA ALA A 466 15.31 16.33 -51.03
C ALA A 466 16.49 15.42 -50.73
N GLU A 467 17.70 15.96 -50.73
CA GLU A 467 18.88 15.17 -50.40
C GLU A 467 18.83 14.69 -48.95
N ALA A 468 18.41 15.55 -48.03
CA ALA A 468 18.35 15.21 -46.62
C ALA A 468 17.15 14.36 -46.26
N ALA A 469 16.19 14.19 -47.17
CA ALA A 469 14.97 13.43 -46.84
C ALA A 469 15.25 11.98 -46.42
N PRO A 470 16.04 11.18 -47.15
CA PRO A 470 16.24 9.78 -46.71
C PRO A 470 16.91 9.64 -45.35
N PHE A 471 17.85 10.53 -45.02
CA PHE A 471 18.51 10.46 -43.72
C PHE A 471 17.51 10.69 -42.59
N ALA A 472 16.69 11.72 -42.73
CA ALA A 472 15.65 11.98 -41.73
C ALA A 472 14.62 10.86 -41.69
N LEU A 473 14.30 10.27 -42.85
CA LEU A 473 13.40 9.13 -42.87
C LEU A 473 13.96 7.97 -42.05
N LEU A 474 15.24 7.67 -42.22
CA LEU A 474 15.87 6.61 -41.43
C LEU A 474 15.84 6.95 -39.95
N ILE A 475 16.20 8.19 -39.61
CA ILE A 475 16.24 8.58 -38.20
C ILE A 475 14.86 8.41 -37.56
N VAL A 476 13.84 8.96 -38.21
CA VAL A 476 12.48 8.91 -37.65
C VAL A 476 11.98 7.48 -37.60
N GLY A 477 12.24 6.67 -38.65
CA GLY A 477 11.76 5.31 -38.65
C GLY A 477 12.34 4.47 -37.53
N LEU A 478 13.68 4.49 -37.40
CA LEU A 478 14.29 3.73 -36.31
C LEU A 478 13.87 4.24 -34.94
N SER A 479 13.80 5.58 -34.77
CA SER A 479 13.41 6.12 -33.48
C SER A 479 12.00 5.70 -33.10
N ALA A 480 11.05 5.82 -34.05
CA ALA A 480 9.67 5.47 -33.76
C ALA A 480 9.53 3.97 -33.51
N ALA A 481 10.21 3.14 -34.29
CA ALA A 481 10.13 1.70 -34.09
C ALA A 481 10.66 1.32 -32.71
N PHE A 482 11.81 1.88 -32.32
CA PHE A 482 12.36 1.55 -31.01
C PHE A 482 11.48 2.05 -29.88
N VAL A 483 10.94 3.27 -29.99
CA VAL A 483 10.05 3.77 -28.96
C VAL A 483 8.82 2.88 -28.82
N GLY A 484 8.23 2.46 -29.94
CA GLY A 484 7.08 1.58 -29.88
C GLY A 484 7.41 0.24 -29.25
N VAL A 485 8.54 -0.34 -29.63
CA VAL A 485 8.92 -1.64 -29.09
C VAL A 485 9.17 -1.56 -27.59
N LEU A 486 9.89 -0.52 -27.15
CA LEU A 486 10.13 -0.36 -25.72
C LEU A 486 8.84 -0.09 -24.95
N LEU A 487 7.93 0.70 -25.51
CA LEU A 487 6.65 0.91 -24.84
C LEU A 487 5.86 -0.39 -24.71
N TRP A 488 5.84 -1.19 -25.78
CA TRP A 488 5.14 -2.47 -25.71
C TRP A 488 5.77 -3.39 -24.67
N ASN A 489 7.11 -3.44 -24.64
CA ASN A 489 7.78 -4.29 -23.67
C ASN A 489 7.52 -3.83 -22.24
N GLU A 490 7.50 -2.52 -22.01
CA GLU A 490 7.20 -2.00 -20.68
C GLU A 490 5.76 -2.32 -20.28
N ARG A 491 4.82 -2.24 -21.22
CA ARG A 491 3.45 -2.61 -20.92
C ARG A 491 3.34 -4.10 -20.61
N ARG A 492 4.13 -4.93 -21.30
CA ARG A 492 4.19 -6.35 -20.96
C ARG A 492 4.72 -6.56 -19.55
N PHE A 493 5.74 -5.81 -19.15
CA PHE A 493 6.32 -5.95 -17.83
C PHE A 493 5.61 -5.04 -16.83
N MET B 1 -37.25 4.71 18.62
CA MET B 1 -38.47 5.14 17.94
C MET B 1 -38.82 6.57 18.32
N GLU B 2 -38.42 7.52 17.48
CA GLU B 2 -38.72 8.94 17.68
C GLU B 2 -40.04 9.34 17.02
N ARG B 3 -40.72 8.39 16.37
CA ARG B 3 -41.94 8.56 15.59
C ARG B 3 -41.71 9.27 14.27
N ALA B 4 -40.48 9.69 13.97
CA ALA B 4 -40.15 10.33 12.71
C ALA B 4 -38.73 9.95 12.31
N PRO B 5 -38.56 9.12 11.29
CA PRO B 5 -37.21 8.68 10.92
C PRO B 5 -36.35 9.82 10.39
N LEU B 6 -35.05 9.70 10.63
CA LEU B 6 -34.09 10.63 10.09
C LEU B 6 -33.64 10.17 8.70
N LEU B 7 -33.05 8.99 8.61
CA LEU B 7 -32.68 8.37 7.35
C LEU B 7 -33.63 7.21 7.09
N GLU B 8 -34.15 7.15 5.86
CA GLU B 8 -35.11 6.10 5.51
C GLU B 8 -34.89 5.70 4.06
N LEU B 9 -34.44 4.47 3.85
CA LEU B 9 -34.27 3.92 2.51
C LEU B 9 -35.51 3.10 2.15
N LYS B 10 -35.91 3.18 0.88
CA LYS B 10 -37.14 2.52 0.44
C LYS B 10 -36.85 1.80 -0.88
N GLY B 11 -36.64 0.49 -0.79
CA GLY B 11 -36.44 -0.33 -1.96
C GLY B 11 -35.18 -0.04 -2.75
N ILE B 12 -34.08 0.29 -2.07
CA ILE B 12 -32.84 0.61 -2.76
C ILE B 12 -32.34 -0.60 -3.51
N ARG B 13 -32.06 -0.42 -4.80
CA ARG B 13 -31.53 -1.47 -5.66
C ARG B 13 -30.32 -0.93 -6.41
N LYS B 14 -29.38 -1.82 -6.72
CA LYS B 14 -28.18 -1.41 -7.44
C LYS B 14 -27.55 -2.64 -8.07
N ARG B 15 -27.29 -2.56 -9.37
CA ARG B 15 -26.74 -3.68 -10.15
C ARG B 15 -25.36 -3.29 -10.66
N PHE B 16 -24.36 -4.12 -10.36
CA PHE B 16 -23.00 -3.93 -10.86
C PHE B 16 -22.73 -4.98 -11.92
N GLY B 17 -22.93 -4.59 -13.18
CA GLY B 17 -22.88 -5.57 -14.25
C GLY B 17 -24.01 -6.58 -14.17
N GLU B 18 -25.23 -6.13 -13.86
CA GLU B 18 -26.39 -7.00 -13.69
C GLU B 18 -26.14 -8.06 -12.62
N LEU B 19 -25.44 -7.67 -11.56
CA LEU B 19 -25.22 -8.54 -10.40
C LEU B 19 -26.19 -8.26 -9.27
N GLU B 20 -26.89 -7.13 -9.27
CA GLU B 20 -27.88 -6.77 -8.26
C GLU B 20 -27.29 -6.89 -6.85
N VAL B 21 -26.37 -5.97 -6.58
CA VAL B 21 -25.71 -5.94 -5.28
C VAL B 21 -26.73 -5.74 -4.17
N LEU B 22 -27.74 -4.90 -4.40
CA LEU B 22 -28.77 -4.62 -3.43
C LEU B 22 -30.14 -5.04 -3.98
N ARG B 23 -30.91 -5.73 -3.16
CA ARG B 23 -32.23 -6.26 -3.57
C ARG B 23 -33.28 -5.60 -2.68
N GLY B 24 -33.73 -4.41 -3.06
CA GLY B 24 -34.81 -3.77 -2.34
C GLY B 24 -34.51 -3.48 -0.88
N VAL B 25 -33.31 -2.97 -0.59
CA VAL B 25 -32.93 -2.69 0.78
C VAL B 25 -33.83 -1.60 1.35
N ASP B 26 -34.36 -1.84 2.54
CA ASP B 26 -35.20 -0.89 3.26
C ASP B 26 -34.62 -0.69 4.65
N LEU B 27 -34.72 0.54 5.15
CA LEU B 27 -34.13 0.89 6.44
C LEU B 27 -34.85 2.12 6.98
N ALA B 28 -34.77 2.31 8.29
CA ALA B 28 -35.33 3.49 8.95
C ALA B 28 -34.48 3.80 10.17
N LEU B 29 -33.50 4.68 9.99
CA LEU B 29 -32.71 5.16 11.11
C LEU B 29 -33.44 6.30 11.81
N TYR B 30 -33.13 6.48 13.08
CA TYR B 30 -33.82 7.45 13.92
C TYR B 30 -32.81 8.41 14.54
N PRO B 31 -33.26 9.62 14.93
CA PRO B 31 -32.32 10.59 15.49
C PRO B 31 -31.59 10.06 16.71
N GLY B 32 -30.26 10.22 16.69
CA GLY B 32 -29.42 9.82 17.79
C GLY B 32 -29.02 8.36 17.83
N GLU B 33 -29.54 7.54 16.92
CA GLU B 33 -29.28 6.11 16.94
C GLU B 33 -27.99 5.77 16.22
N ILE B 34 -27.33 4.71 16.69
CA ILE B 34 -26.21 4.09 16.01
C ILE B 34 -26.68 2.72 15.53
N LEU B 35 -26.70 2.52 14.22
CA LEU B 35 -27.14 1.27 13.62
C LEU B 35 -25.96 0.66 12.89
N ALA B 36 -25.60 -0.57 13.23
CA ALA B 36 -24.45 -1.23 12.65
C ALA B 36 -24.90 -2.34 11.72
N LEU B 37 -24.34 -2.36 10.52
CA LEU B 37 -24.65 -3.36 9.52
C LEU B 37 -23.54 -4.40 9.47
N LEU B 38 -23.90 -5.65 9.77
CA LEU B 38 -22.99 -6.78 9.68
C LEU B 38 -23.35 -7.65 8.48
N GLY B 39 -22.41 -8.50 8.09
CA GLY B 39 -22.65 -9.44 7.02
C GLY B 39 -21.37 -10.00 6.45
N PRO B 40 -21.50 -11.01 5.59
CA PRO B 40 -20.33 -11.54 4.88
C PRO B 40 -19.77 -10.51 3.91
N SER B 41 -18.48 -10.64 3.60
CA SER B 41 -17.84 -9.71 2.69
C SER B 41 -18.54 -9.75 1.33
N GLY B 42 -18.81 -8.56 0.79
CA GLY B 42 -19.48 -8.45 -0.49
C GLY B 42 -20.98 -8.58 -0.46
N CYS B 43 -21.63 -8.28 0.68
CA CYS B 43 -23.07 -8.38 0.80
C CYS B 43 -23.78 -7.04 0.55
N GLY B 44 -23.02 -5.99 0.19
CA GLY B 44 -23.64 -4.74 -0.18
C GLY B 44 -23.74 -3.69 0.90
N LYS B 45 -23.02 -3.83 2.01
CA LYS B 45 -23.05 -2.81 3.05
C LYS B 45 -22.33 -1.54 2.60
N THR B 46 -21.13 -1.69 2.06
CA THR B 46 -20.38 -0.53 1.58
C THR B 46 -21.12 0.15 0.43
N THR B 47 -21.72 -0.64 -0.46
CA THR B 47 -22.55 -0.08 -1.51
C THR B 47 -23.73 0.68 -0.91
N LEU B 48 -24.30 0.17 0.18
CA LEU B 48 -25.39 0.87 0.85
C LEU B 48 -24.93 2.22 1.39
N LEU B 49 -23.76 2.26 2.02
CA LEU B 49 -23.25 3.54 2.52
C LEU B 49 -22.98 4.51 1.39
N ARG B 50 -22.41 4.02 0.28
CA ARG B 50 -22.14 4.90 -0.86
C ARG B 50 -23.43 5.42 -1.48
N VAL B 51 -24.46 4.58 -1.54
CA VAL B 51 -25.74 5.02 -2.08
C VAL B 51 -26.36 6.09 -1.17
N VAL B 52 -26.30 5.87 0.15
CA VAL B 52 -26.85 6.85 1.08
C VAL B 52 -26.09 8.17 0.97
N ALA B 53 -24.77 8.11 0.88
CA ALA B 53 -23.95 9.32 0.80
C ALA B 53 -24.05 10.02 -0.54
N GLY B 54 -24.62 9.37 -1.56
CA GLY B 54 -24.67 9.93 -2.89
C GLY B 54 -23.49 9.58 -3.77
N LEU B 55 -22.50 8.86 -3.25
CA LEU B 55 -21.37 8.45 -4.05
C LEU B 55 -21.72 7.42 -5.11
N GLU B 56 -22.93 6.85 -5.05
CA GLU B 56 -23.40 5.92 -6.07
C GLU B 56 -24.87 6.18 -6.33
N VAL B 57 -25.32 5.79 -7.51
CA VAL B 57 -26.69 6.03 -7.97
C VAL B 57 -27.47 4.74 -7.85
N PRO B 58 -28.54 4.69 -7.05
CA PRO B 58 -29.36 3.49 -7.01
C PRO B 58 -30.19 3.34 -8.27
N ASP B 59 -30.32 2.11 -8.74
CA ASP B 59 -31.16 1.84 -9.91
C ASP B 59 -32.62 2.15 -9.61
N ALA B 60 -33.09 1.76 -8.43
CA ALA B 60 -34.45 2.06 -8.00
C ALA B 60 -34.41 2.49 -6.54
N GLY B 61 -35.59 2.65 -5.94
CA GLY B 61 -35.70 3.01 -4.55
C GLY B 61 -35.56 4.50 -4.33
N ARG B 62 -35.77 4.90 -3.07
CA ARG B 62 -35.67 6.29 -2.66
C ARG B 62 -34.89 6.39 -1.35
N VAL B 63 -34.30 7.56 -1.14
CA VAL B 63 -33.58 7.87 0.09
C VAL B 63 -34.20 9.14 0.68
N PHE B 64 -34.64 9.06 1.92
CA PHE B 64 -35.27 10.18 2.60
C PHE B 64 -34.40 10.62 3.76
N LEU B 65 -34.06 11.89 3.81
CA LEU B 65 -33.34 12.48 4.93
C LEU B 65 -34.19 13.61 5.50
N GLU B 66 -34.62 13.44 6.75
CA GLU B 66 -35.51 14.39 7.42
C GLU B 66 -36.81 14.60 6.64
N GLY B 67 -37.27 13.56 5.96
CA GLY B 67 -38.50 13.62 5.20
C GLY B 67 -38.34 14.07 3.77
N ARG B 68 -37.21 14.69 3.42
CA ARG B 68 -36.99 15.21 2.08
C ARG B 68 -36.24 14.19 1.24
N ASP B 69 -36.81 13.85 0.09
CA ASP B 69 -36.14 12.94 -0.84
C ASP B 69 -34.82 13.53 -1.29
N ILE B 70 -33.76 12.73 -1.22
CA ILE B 70 -32.43 13.20 -1.60
C ILE B 70 -31.81 12.21 -2.57
N THR B 71 -32.64 11.38 -3.21
CA THR B 71 -32.11 10.36 -4.11
C THR B 71 -31.41 10.98 -5.31
N ALA B 72 -31.96 12.07 -5.84
CA ALA B 72 -31.42 12.72 -7.02
C ALA B 72 -30.40 13.81 -6.69
N LEU B 73 -30.17 14.09 -5.41
CA LEU B 73 -29.24 15.12 -5.02
C LEU B 73 -27.79 14.65 -5.20
N PRO B 74 -26.86 15.57 -5.43
CA PRO B 74 -25.45 15.21 -5.45
C PRO B 74 -24.88 15.16 -4.04
N PRO B 75 -23.68 14.60 -3.85
CA PRO B 75 -23.12 14.52 -2.50
C PRO B 75 -22.93 15.87 -1.82
N GLU B 76 -22.77 16.94 -2.58
CA GLU B 76 -22.56 18.26 -1.96
C GLU B 76 -23.80 18.71 -1.20
N LYS B 77 -24.98 18.46 -1.76
CA LYS B 77 -26.23 19.02 -1.24
C LYS B 77 -26.90 18.15 -0.19
N ARG B 78 -26.41 16.93 0.04
CA ARG B 78 -27.04 16.06 1.03
C ARG B 78 -26.73 16.50 2.45
N GLY B 79 -25.47 16.86 2.71
CA GLY B 79 -25.07 17.24 4.05
C GLY B 79 -24.89 16.08 5.01
N ILE B 80 -24.41 14.95 4.52
CA ILE B 80 -24.21 13.75 5.33
C ILE B 80 -22.71 13.52 5.48
N GLY B 81 -22.26 13.41 6.73
CA GLY B 81 -20.85 13.11 6.96
C GLY B 81 -20.50 11.70 6.54
N PHE B 82 -19.20 11.46 6.39
CA PHE B 82 -18.71 10.17 5.92
C PHE B 82 -17.28 9.99 6.39
N VAL B 83 -17.04 8.99 7.21
CA VAL B 83 -15.69 8.62 7.63
C VAL B 83 -15.26 7.43 6.78
N PHE B 84 -14.20 7.60 6.00
CA PHE B 84 -13.74 6.57 5.08
C PHE B 84 -12.83 5.58 5.80
N GLN B 85 -12.70 4.39 5.21
CA GLN B 85 -11.90 3.34 5.83
C GLN B 85 -10.43 3.74 5.93
N ASP B 86 -9.90 4.40 4.91
CA ASP B 86 -8.55 4.93 4.93
C ASP B 86 -8.50 6.35 5.46
N TYR B 87 -9.62 6.86 5.96
CA TYR B 87 -9.78 8.18 6.56
C TYR B 87 -9.75 9.30 5.52
N ALA B 88 -9.38 8.96 4.29
CA ALA B 88 -9.39 9.87 3.13
C ALA B 88 -8.96 11.29 3.51
N LEU B 89 -7.76 11.38 4.07
CA LEU B 89 -7.24 12.65 4.56
C LEU B 89 -6.46 13.36 3.46
N PHE B 90 -6.68 14.66 3.34
CA PHE B 90 -5.97 15.46 2.33
C PHE B 90 -4.51 15.60 2.73
N PRO B 91 -3.56 15.14 1.92
CA PRO B 91 -2.16 15.18 2.34
C PRO B 91 -1.50 16.55 2.25
N HIS B 92 -2.10 17.49 1.52
CA HIS B 92 -1.52 18.81 1.34
C HIS B 92 -1.98 19.81 2.40
N LEU B 93 -2.69 19.36 3.42
CA LEU B 93 -3.21 20.23 4.46
C LEU B 93 -2.80 19.69 5.82
N THR B 94 -2.77 20.58 6.82
CA THR B 94 -2.53 20.19 8.19
C THR B 94 -3.80 19.60 8.80
N ALA B 95 -3.66 19.10 10.03
CA ALA B 95 -4.81 18.50 10.71
C ALA B 95 -5.91 19.52 10.92
N LEU B 96 -5.55 20.73 11.37
CA LEU B 96 -6.53 21.80 11.49
C LEU B 96 -7.07 22.21 10.12
N GLY B 97 -6.20 22.25 9.12
CA GLY B 97 -6.66 22.54 7.78
C GLY B 97 -7.56 21.45 7.22
N ASN B 98 -7.27 20.20 7.56
CA ASN B 98 -8.15 19.10 7.17
C ASN B 98 -9.53 19.25 7.83
N VAL B 99 -9.54 19.57 9.12
CA VAL B 99 -10.82 19.66 9.84
C VAL B 99 -11.62 20.85 9.34
N ALA B 100 -10.97 21.95 9.00
CA ALA B 100 -11.67 23.15 8.57
C ALA B 100 -12.07 23.11 7.09
N PHE B 101 -11.84 21.99 6.40
CA PHE B 101 -12.17 21.92 4.98
C PHE B 101 -13.66 22.05 4.73
N GLY B 102 -14.48 21.38 5.53
CA GLY B 102 -15.91 21.38 5.33
C GLY B 102 -16.66 22.51 5.99
N LEU B 103 -15.98 23.41 6.68
CA LEU B 103 -16.62 24.49 7.41
C LEU B 103 -16.78 25.72 6.53
N LYS B 104 -17.73 26.57 6.90
CA LYS B 104 -17.98 27.82 6.19
C LYS B 104 -18.27 28.92 7.20
N GLY B 105 -18.01 30.15 6.78
CA GLY B 105 -18.29 31.32 7.60
C GLY B 105 -17.08 32.20 7.72
N LYS B 106 -17.11 33.08 8.73
CA LYS B 106 -16.02 34.01 8.98
C LYS B 106 -15.05 33.52 10.03
N ASP B 107 -15.43 32.51 10.83
CA ASP B 107 -14.62 31.99 11.93
C ASP B 107 -14.48 30.48 11.83
N ARG B 108 -14.13 30.01 10.62
CA ARG B 108 -14.02 28.57 10.39
C ARG B 108 -12.95 27.95 11.27
N LEU B 109 -11.84 28.66 11.48
CA LEU B 109 -10.71 28.08 12.20
C LEU B 109 -11.06 27.86 13.67
N ALA B 110 -11.80 28.78 14.28
CA ALA B 110 -12.23 28.58 15.66
C ALA B 110 -13.14 27.37 15.79
N ARG B 111 -14.05 27.19 14.84
CA ARG B 111 -14.94 26.02 14.89
C ARG B 111 -14.16 24.73 14.66
N ALA B 112 -13.15 24.76 13.78
CA ALA B 112 -12.29 23.59 13.61
C ALA B 112 -11.54 23.29 14.90
N ARG B 113 -11.06 24.32 15.60
CA ARG B 113 -10.39 24.10 16.86
C ARG B 113 -11.33 23.51 17.91
N LYS B 114 -12.57 23.99 17.94
CA LYS B 114 -13.56 23.40 18.85
C LYS B 114 -13.85 21.95 18.51
N ALA B 115 -13.96 21.65 17.21
CA ALA B 115 -14.20 20.26 16.79
C ALA B 115 -13.03 19.37 17.13
N LEU B 116 -11.81 19.92 17.12
CA LEU B 116 -10.66 19.15 17.60
C LEU B 116 -10.66 19.04 19.12
N GLU B 117 -11.21 20.03 19.82
CA GLU B 117 -11.38 19.93 21.27
C GLU B 117 -12.33 18.79 21.63
N ARG B 118 -13.43 18.66 20.88
CA ARG B 118 -14.38 17.58 21.15
C ARG B 118 -13.71 16.21 21.06
N VAL B 119 -12.92 16.00 20.01
CA VAL B 119 -12.09 14.81 19.96
C VAL B 119 -10.98 14.88 20.99
N GLY B 120 -10.43 16.08 21.20
CA GLY B 120 -9.37 16.27 22.19
C GLY B 120 -7.99 16.16 21.59
N MET B 121 -7.75 16.87 20.50
CA MET B 121 -6.49 16.79 19.77
C MET B 121 -6.03 18.20 19.36
N THR B 122 -6.07 19.13 20.31
CA THR B 122 -5.55 20.47 20.06
C THR B 122 -4.09 20.57 20.44
N LEU B 123 -3.30 19.62 19.97
CA LEU B 123 -1.86 19.61 20.18
C LEU B 123 -1.17 19.43 18.83
N PHE B 124 -1.78 18.64 17.96
CA PHE B 124 -1.24 18.33 16.65
C PHE B 124 -1.98 19.05 15.53
N GLN B 125 -2.44 20.27 15.79
CA GLN B 125 -3.20 21.02 14.79
C GLN B 125 -2.36 21.32 13.56
N ASP B 126 -1.08 21.61 13.75
CA ASP B 126 -0.19 22.02 12.67
C ASP B 126 0.65 20.86 12.12
N ARG B 127 0.09 19.65 12.10
CA ARG B 127 0.79 18.48 11.60
C ARG B 127 0.02 17.88 10.44
N ARG B 128 0.72 17.69 9.32
CA ARG B 128 0.13 17.07 8.15
C ARG B 128 -0.12 15.58 8.41
N PRO B 129 -0.98 14.94 7.62
CA PRO B 129 -1.23 13.51 7.84
C PRO B 129 -0.10 12.63 7.35
N GLY B 130 1.14 13.03 7.65
CA GLY B 130 2.29 12.17 7.52
C GLY B 130 3.01 12.12 8.86
N GLU B 131 2.88 13.19 9.64
CA GLU B 131 3.33 13.22 11.02
C GLU B 131 2.20 12.85 11.97
N LEU B 132 1.52 11.75 11.68
CA LEU B 132 0.35 11.36 12.45
C LEU B 132 0.25 9.84 12.46
N SER B 133 -0.06 9.29 13.64
CA SER B 133 -0.24 7.85 13.76
C SER B 133 -1.62 7.46 13.25
N GLY B 134 -1.78 6.16 12.98
CA GLY B 134 -3.06 5.66 12.49
C GLY B 134 -4.20 5.81 13.48
N GLY B 135 -3.89 5.86 14.78
CA GLY B 135 -4.93 6.06 15.78
C GLY B 135 -5.40 7.49 15.93
N GLN B 136 -4.64 8.45 15.43
CA GLN B 136 -5.03 9.85 15.46
C GLN B 136 -5.36 10.43 14.09
N GLN B 137 -4.91 9.80 13.01
CA GLN B 137 -5.48 10.11 11.71
C GLN B 137 -6.98 9.82 11.69
N GLN B 138 -7.39 8.74 12.35
CA GLN B 138 -8.81 8.44 12.46
C GLN B 138 -9.55 9.52 13.24
N ARG B 139 -8.93 10.03 14.30
CA ARG B 139 -9.54 11.11 15.07
C ARG B 139 -9.65 12.37 14.23
N VAL B 140 -8.63 12.67 13.42
CA VAL B 140 -8.71 13.80 12.51
C VAL B 140 -9.84 13.62 11.51
N ALA B 141 -10.00 12.40 10.97
CA ALA B 141 -11.08 12.13 10.03
C ALA B 141 -12.45 12.29 10.69
N LEU B 142 -12.60 11.79 11.92
CA LEU B 142 -13.86 11.94 12.62
C LEU B 142 -14.18 13.39 12.90
N ALA B 143 -13.18 14.17 13.32
CA ALA B 143 -13.40 15.59 13.58
C ALA B 143 -13.74 16.33 12.30
N ARG B 144 -13.10 15.96 11.19
CA ARG B 144 -13.43 16.57 9.90
C ARG B 144 -14.85 16.26 9.48
N ALA B 145 -15.29 15.01 9.69
CA ALA B 145 -16.65 14.63 9.32
C ALA B 145 -17.68 15.33 10.20
N LEU B 146 -17.41 15.46 11.49
CA LEU B 146 -18.37 16.03 12.43
C LEU B 146 -18.28 17.54 12.57
N ALA B 147 -17.27 18.17 11.97
CA ALA B 147 -17.09 19.62 12.12
C ALA B 147 -18.24 20.43 11.55
N PRO B 148 -18.74 20.17 10.33
CA PRO B 148 -19.89 20.96 9.84
C PRO B 148 -21.14 20.80 10.67
N GLY B 149 -21.22 19.75 11.48
CA GLY B 149 -22.36 19.50 12.32
C GLY B 149 -23.52 18.87 11.58
N PRO B 150 -23.32 17.69 11.02
CA PRO B 150 -24.41 16.99 10.35
C PRO B 150 -25.27 16.22 11.34
N LYS B 151 -26.45 15.83 10.87
CA LYS B 151 -27.35 15.03 11.68
C LYS B 151 -27.14 13.53 11.49
N LEU B 152 -26.32 13.13 10.52
CA LEU B 152 -26.09 11.72 10.24
C LEU B 152 -24.66 11.55 9.74
N VAL B 153 -23.98 10.52 10.24
CA VAL B 153 -22.59 10.23 9.87
C VAL B 153 -22.50 8.76 9.46
N LEU B 154 -21.87 8.51 8.32
CA LEU B 154 -21.66 7.17 7.81
C LEU B 154 -20.23 6.74 8.13
N LEU B 155 -20.09 5.59 8.80
CA LEU B 155 -18.81 5.10 9.29
C LEU B 155 -18.48 3.79 8.59
N ASP B 156 -17.52 3.84 7.67
CA ASP B 156 -17.13 2.67 6.88
C ASP B 156 -15.91 2.02 7.52
N GLU B 157 -16.17 1.18 8.53
CA GLU B 157 -15.15 0.45 9.27
C GLU B 157 -14.07 1.40 9.79
N PRO B 158 -14.39 2.25 10.77
CA PRO B 158 -13.41 3.25 11.22
C PRO B 158 -12.40 2.71 12.22
N PHE B 159 -12.79 1.71 12.99
CA PHE B 159 -11.92 1.15 14.03
C PHE B 159 -11.18 -0.10 13.59
N SER B 160 -11.35 -0.53 12.33
CA SER B 160 -10.71 -1.76 11.88
C SER B 160 -9.19 -1.60 11.79
N SER B 161 -8.73 -0.45 11.29
CA SER B 161 -7.30 -0.26 11.06
C SER B 161 -6.52 -0.06 12.36
N LEU B 162 -7.19 0.25 13.46
CA LEU B 162 -6.50 0.53 14.71
C LEU B 162 -5.97 -0.75 15.34
N ASP B 163 -4.96 -0.59 16.19
CA ASP B 163 -4.45 -1.70 16.96
C ASP B 163 -5.49 -2.17 17.98
N ALA B 164 -5.56 -3.48 18.19
CA ALA B 164 -6.59 -4.05 19.04
C ALA B 164 -6.46 -3.65 20.49
N GLY B 165 -5.31 -3.10 20.91
CA GLY B 165 -5.15 -2.71 22.29
C GLY B 165 -6.05 -1.55 22.70
N LEU B 166 -6.16 -0.54 21.84
CA LEU B 166 -6.94 0.66 22.14
C LEU B 166 -8.24 0.73 21.35
N ARG B 167 -8.63 -0.36 20.68
CA ARG B 167 -9.85 -0.34 19.89
C ARG B 167 -11.07 -0.06 20.75
N ALA B 168 -11.17 -0.72 21.91
CA ALA B 168 -12.34 -0.53 22.77
C ALA B 168 -12.41 0.89 23.31
N ALA B 169 -11.27 1.44 23.71
CA ALA B 169 -11.24 2.82 24.19
C ALA B 169 -11.64 3.80 23.09
N THR B 170 -11.13 3.57 21.87
CA THR B 170 -11.50 4.44 20.76
C THR B 170 -12.98 4.34 20.45
N ARG B 171 -13.53 3.12 20.47
CA ARG B 171 -14.95 2.93 20.22
C ARG B 171 -15.79 3.67 21.24
N GLU B 172 -15.42 3.54 22.52
CA GLU B 172 -16.21 4.20 23.56
C GLU B 172 -16.10 5.72 23.46
N GLU B 173 -14.90 6.24 23.15
CA GLU B 173 -14.74 7.67 22.97
C GLU B 173 -15.57 8.18 21.80
N VAL B 174 -15.55 7.45 20.68
CA VAL B 174 -16.33 7.86 19.50
C VAL B 174 -17.81 7.82 19.81
N ARG B 175 -18.26 6.78 20.52
CA ARG B 175 -19.67 6.71 20.88
C ARG B 175 -20.07 7.85 21.79
N LYS B 176 -19.21 8.21 22.74
CA LYS B 176 -19.50 9.36 23.61
C LYS B 176 -19.57 10.65 22.81
N VAL B 177 -18.66 10.83 21.85
CA VAL B 177 -18.69 12.04 21.01
C VAL B 177 -20.00 12.11 20.22
N LEU B 178 -20.38 10.99 19.59
CA LEU B 178 -21.59 10.98 18.79
C LEU B 178 -22.83 11.18 19.66
N LYS B 179 -22.83 10.66 20.88
CA LYS B 179 -23.99 10.80 21.75
C LYS B 179 -24.10 12.20 22.32
N GLU B 180 -22.97 12.85 22.62
CA GLU B 180 -23.03 14.21 23.14
C GLU B 180 -23.34 15.22 22.04
N THR B 181 -22.92 14.94 20.81
CA THR B 181 -23.27 15.82 19.69
C THR B 181 -24.67 15.53 19.13
N GLY B 182 -25.33 14.49 19.60
CA GLY B 182 -26.65 14.15 19.08
C GLY B 182 -26.63 13.73 17.63
N THR B 183 -25.60 13.01 17.21
CA THR B 183 -25.41 12.63 15.82
C THR B 183 -25.75 11.16 15.65
N ALA B 184 -26.67 10.87 14.72
CA ALA B 184 -26.95 9.48 14.36
C ALA B 184 -25.82 8.94 13.49
N ALA B 185 -25.55 7.65 13.64
CA ALA B 185 -24.46 7.01 12.91
C ALA B 185 -24.97 5.75 12.22
N LEU B 186 -24.52 5.54 10.99
CA LEU B 186 -24.75 4.31 10.24
C LEU B 186 -23.40 3.65 10.04
N LEU B 187 -23.18 2.53 10.72
CA LEU B 187 -21.88 1.89 10.79
C LEU B 187 -21.86 0.61 9.97
N VAL B 188 -20.76 0.39 9.26
CA VAL B 188 -20.50 -0.86 8.55
C VAL B 188 -19.23 -1.46 9.13
N THR B 189 -19.32 -2.72 9.54
CA THR B 189 -18.19 -3.39 10.17
C THR B 189 -18.34 -4.89 9.98
N HIS B 190 -17.23 -5.60 10.19
CA HIS B 190 -17.22 -7.06 10.12
C HIS B 190 -17.27 -7.72 11.49
N ASP B 191 -16.67 -7.10 12.51
CA ASP B 191 -16.64 -7.69 13.83
C ASP B 191 -18.03 -7.73 14.44
N GLN B 192 -18.41 -8.88 14.99
CA GLN B 192 -19.66 -9.00 15.72
C GLN B 192 -19.59 -8.42 17.11
N GLU B 193 -18.45 -8.57 17.80
CA GLU B 193 -18.28 -8.01 19.13
C GLU B 193 -18.28 -6.49 19.09
N GLU B 194 -17.77 -5.90 18.01
CA GLU B 194 -17.79 -4.45 17.85
C GLU B 194 -19.22 -3.93 17.76
N ALA B 195 -20.03 -4.55 16.90
CA ALA B 195 -21.39 -4.07 16.66
C ALA B 195 -22.34 -4.43 17.79
N LEU B 196 -22.09 -5.54 18.49
CA LEU B 196 -23.00 -5.95 19.57
C LEU B 196 -23.00 -4.95 20.71
N SER B 197 -21.89 -4.25 20.92
CA SER B 197 -21.76 -3.29 22.02
C SER B 197 -21.78 -1.84 21.57
N PHE B 198 -21.06 -1.51 20.49
CA PHE B 198 -21.00 -0.11 20.05
C PHE B 198 -22.36 0.39 19.58
N ALA B 199 -23.10 -0.43 18.85
CA ALA B 199 -24.30 0.04 18.18
C ALA B 199 -25.51 0.05 19.11
N ASP B 200 -26.49 0.85 18.73
CA ASP B 200 -27.81 0.82 19.37
C ASP B 200 -28.74 -0.17 18.69
N ARG B 201 -28.58 -0.39 17.39
CA ARG B 201 -29.37 -1.36 16.65
C ARG B 201 -28.47 -2.11 15.69
N LEU B 202 -28.91 -3.31 15.32
CA LEU B 202 -28.14 -4.21 14.48
C LEU B 202 -28.92 -4.54 13.22
N GLY B 203 -28.20 -4.73 12.12
CA GLY B 203 -28.80 -5.21 10.89
C GLY B 203 -27.91 -6.20 10.17
N VAL B 204 -28.42 -7.40 9.91
CA VAL B 204 -27.67 -8.44 9.25
C VAL B 204 -28.00 -8.41 7.76
N MET B 205 -26.97 -8.48 6.92
CA MET B 205 -27.12 -8.41 5.48
C MET B 205 -26.66 -9.71 4.84
N ARG B 206 -27.46 -10.23 3.93
CA ARG B 206 -27.08 -11.38 3.13
C ARG B 206 -27.51 -11.13 1.69
N GLY B 207 -26.54 -11.16 0.77
CA GLY B 207 -26.86 -11.03 -0.64
C GLY B 207 -27.61 -9.76 -0.98
N GLY B 208 -27.27 -8.67 -0.32
CA GLY B 208 -27.98 -7.42 -0.55
C GLY B 208 -29.37 -7.34 0.03
N GLU B 209 -29.69 -8.18 1.00
CA GLU B 209 -30.98 -8.09 1.68
C GLU B 209 -30.78 -7.99 3.18
N ILE B 210 -31.69 -7.29 3.83
CA ILE B 210 -31.66 -7.11 5.28
C ILE B 210 -32.47 -8.24 5.91
N LEU B 211 -31.78 -9.21 6.51
CA LEU B 211 -32.45 -10.37 7.06
C LEU B 211 -33.20 -10.02 8.35
N GLN B 212 -32.57 -9.27 9.25
CA GLN B 212 -33.21 -8.94 10.51
C GLN B 212 -32.60 -7.66 11.06
N VAL B 213 -33.46 -6.78 11.57
CA VAL B 213 -33.04 -5.54 12.21
C VAL B 213 -33.64 -5.49 13.60
N GLY B 214 -32.81 -5.17 14.59
CA GLY B 214 -33.28 -5.01 15.95
C GLY B 214 -32.11 -4.64 16.83
N THR B 215 -32.40 -4.46 18.12
CA THR B 215 -31.34 -4.23 19.06
C THR B 215 -30.45 -5.47 19.14
N PRO B 216 -29.17 -5.31 19.50
CA PRO B 216 -28.27 -6.47 19.52
C PRO B 216 -28.78 -7.60 20.39
N GLU B 217 -29.42 -7.29 21.52
CA GLU B 217 -29.98 -8.33 22.38
C GLU B 217 -31.14 -9.04 21.71
N GLU B 218 -31.96 -8.31 20.95
CA GLU B 218 -33.08 -8.96 20.27
C GLU B 218 -32.62 -9.81 19.11
N VAL B 219 -31.62 -9.34 18.35
CA VAL B 219 -31.11 -10.12 17.24
C VAL B 219 -30.37 -11.36 17.73
N TYR B 220 -29.67 -11.25 18.86
CA TYR B 220 -28.93 -12.38 19.40
C TYR B 220 -29.86 -13.38 20.08
N LEU B 221 -30.63 -12.91 21.06
CA LEU B 221 -31.47 -13.82 21.85
C LEU B 221 -32.57 -14.43 21.01
N ARG B 222 -33.15 -13.67 20.08
CA ARG B 222 -34.30 -14.11 19.30
C ARG B 222 -34.03 -13.93 17.81
N PRO B 223 -33.22 -14.79 17.22
CA PRO B 223 -33.04 -14.76 15.76
C PRO B 223 -34.21 -15.42 15.05
N LYS B 224 -34.33 -15.12 13.77
CA LYS B 224 -35.44 -15.61 12.96
C LYS B 224 -35.05 -16.66 11.94
N THR B 225 -33.83 -16.64 11.44
CA THR B 225 -33.36 -17.57 10.42
C THR B 225 -32.09 -18.24 10.89
N PRO B 226 -31.79 -19.43 10.37
CA PRO B 226 -30.55 -20.11 10.77
C PRO B 226 -29.29 -19.31 10.45
N PHE B 227 -29.28 -18.53 9.36
CA PHE B 227 -28.09 -17.78 9.02
C PHE B 227 -27.78 -16.72 10.08
N VAL B 228 -28.81 -16.02 10.57
CA VAL B 228 -28.58 -15.01 11.61
C VAL B 228 -28.02 -15.65 12.87
N ALA B 229 -28.61 -16.78 13.28
CA ALA B 229 -28.16 -17.47 14.48
C ALA B 229 -26.72 -17.94 14.33
N GLN B 230 -26.37 -18.51 13.17
CA GLN B 230 -24.98 -18.91 12.93
C GLN B 230 -24.05 -17.70 12.93
N PHE B 231 -24.48 -16.60 12.31
CA PHE B 231 -23.59 -15.47 12.06
C PHE B 231 -23.28 -14.67 13.31
N LEU B 232 -24.29 -14.45 14.14
CA LEU B 232 -24.09 -13.58 15.31
C LEU B 232 -23.51 -14.33 16.49
N GLY B 233 -23.24 -15.62 16.35
CA GLY B 233 -22.58 -16.39 17.38
C GLY B 233 -22.71 -17.87 17.12
N ARG B 234 -21.90 -18.64 17.83
CA ARG B 234 -22.00 -20.09 17.74
C ARG B 234 -23.32 -20.56 18.34
N THR B 235 -23.91 -21.59 17.73
CA THR B 235 -25.16 -22.15 18.22
C THR B 235 -25.27 -23.59 17.72
N ASN B 236 -26.32 -24.26 18.18
CA ASN B 236 -26.61 -25.64 17.79
C ASN B 236 -27.97 -25.66 17.11
N LEU B 237 -27.98 -26.05 15.84
CA LEU B 237 -29.22 -26.11 15.06
C LEU B 237 -29.79 -27.52 15.23
N LEU B 238 -30.80 -27.64 16.07
CA LEU B 238 -31.33 -28.95 16.46
C LEU B 238 -32.69 -29.19 15.83
N PRO B 239 -32.84 -30.17 14.94
CA PRO B 239 -34.20 -30.51 14.46
C PRO B 239 -35.00 -31.16 15.58
N GLY B 240 -36.20 -30.64 15.83
CA GLY B 240 -37.04 -31.14 16.89
C GLY B 240 -38.51 -31.05 16.54
N GLU B 241 -39.34 -31.52 17.47
CA GLU B 241 -40.80 -31.42 17.34
C GLU B 241 -41.33 -30.67 18.55
N GLY B 242 -41.71 -29.41 18.35
CA GLY B 242 -42.28 -28.63 19.42
C GLY B 242 -43.64 -29.18 19.82
N ARG B 243 -43.88 -29.22 21.13
CA ARG B 243 -45.10 -29.79 21.69
C ARG B 243 -45.76 -28.84 22.68
N GLY B 244 -45.63 -27.53 22.45
CA GLY B 244 -46.16 -26.55 23.39
C GLY B 244 -45.09 -25.56 23.80
N ARG B 245 -44.79 -25.50 25.09
CA ARG B 245 -43.72 -24.67 25.62
C ARG B 245 -42.40 -25.44 25.73
N TYR B 246 -42.26 -26.53 24.98
CA TYR B 246 -41.04 -27.33 24.99
C TYR B 246 -40.97 -28.12 23.69
N ALA B 247 -39.78 -28.62 23.40
CA ALA B 247 -39.52 -29.40 22.20
C ALA B 247 -38.75 -30.66 22.56
N GLU B 248 -39.04 -31.73 21.84
CA GLU B 248 -38.38 -33.02 22.01
C GLU B 248 -37.31 -33.15 20.93
N THR B 249 -36.05 -33.05 21.33
CA THR B 249 -34.92 -33.15 20.42
C THR B 249 -34.02 -34.31 20.84
N CYS B 250 -32.89 -34.44 20.16
CA CYS B 250 -31.90 -35.46 20.51
C CYS B 250 -31.36 -35.26 21.91
N LEU B 251 -31.45 -34.04 22.44
CA LEU B 251 -31.03 -33.73 23.79
C LEU B 251 -32.16 -33.85 24.80
N GLY B 252 -33.35 -34.22 24.37
CA GLY B 252 -34.47 -34.44 25.28
C GLY B 252 -35.44 -33.27 25.29
N ARG B 253 -35.79 -32.80 26.47
CA ARG B 253 -36.77 -31.73 26.66
C ARG B 253 -36.05 -30.40 26.67
N VAL B 254 -36.31 -29.56 25.67
CA VAL B 254 -35.74 -28.22 25.61
C VAL B 254 -36.87 -27.21 25.72
N PRO B 255 -36.92 -26.37 26.75
CA PRO B 255 -37.98 -25.36 26.83
C PRO B 255 -37.88 -24.37 25.68
N LEU B 256 -39.03 -23.90 25.23
CA LEU B 256 -39.12 -22.99 24.09
C LEU B 256 -39.38 -21.58 24.55
N ALA B 257 -38.71 -20.62 23.91
CA ALA B 257 -38.98 -19.21 24.18
C ALA B 257 -40.41 -18.85 23.77
N GLU B 258 -40.86 -19.36 22.63
CA GLU B 258 -42.23 -19.16 22.16
C GLU B 258 -42.85 -20.52 21.87
N ALA B 259 -44.11 -20.68 22.28
CA ALA B 259 -44.78 -21.96 22.13
C ALA B 259 -44.96 -22.31 20.66
N ARG B 260 -44.77 -23.59 20.34
CA ARG B 260 -44.88 -24.06 18.97
C ARG B 260 -45.28 -25.53 18.96
N GLU B 261 -45.91 -25.94 17.86
CA GLU B 261 -46.33 -27.32 17.67
C GLU B 261 -45.87 -27.81 16.31
N GLY B 262 -45.44 -29.08 16.26
CA GLY B 262 -45.01 -29.70 15.03
C GLY B 262 -43.52 -29.62 14.82
N PRO B 263 -43.05 -30.06 13.67
CA PRO B 263 -41.60 -30.11 13.44
C PRO B 263 -41.02 -28.72 13.18
N LEU B 264 -39.80 -28.52 13.65
CA LEU B 264 -39.17 -27.20 13.63
C LEU B 264 -37.68 -27.36 13.91
N LEU B 265 -36.97 -26.24 13.92
CA LEU B 265 -35.52 -26.21 14.09
C LEU B 265 -35.17 -25.26 15.22
N LEU B 266 -34.69 -25.81 16.34
CA LEU B 266 -34.22 -25.02 17.46
C LEU B 266 -32.84 -24.45 17.18
N SER B 267 -32.57 -23.29 17.77
CA SER B 267 -31.22 -22.73 17.84
C SER B 267 -30.82 -22.66 19.31
N LEU B 268 -30.26 -23.77 19.81
CA LEU B 268 -29.84 -23.84 21.20
C LEU B 268 -28.45 -23.23 21.33
N ARG B 269 -28.35 -22.15 22.06
CA ARG B 269 -27.06 -21.49 22.22
C ARG B 269 -26.19 -22.27 23.20
N PRO B 270 -24.87 -22.31 23.00
CA PRO B 270 -24.01 -23.12 23.88
C PRO B 270 -24.10 -22.76 25.35
N GLU B 271 -24.33 -21.49 25.70
CA GLU B 271 -24.43 -21.12 27.10
C GLU B 271 -25.69 -21.65 27.76
N ALA B 272 -26.62 -22.21 26.99
CA ALA B 272 -27.82 -22.83 27.53
C ALA B 272 -27.60 -24.28 27.92
N LEU B 273 -26.37 -24.78 27.83
CA LEU B 273 -26.06 -26.17 28.10
C LEU B 273 -24.98 -26.27 29.16
N ARG B 274 -25.06 -27.33 29.97
CA ARG B 274 -24.07 -27.60 31.00
C ARG B 274 -23.70 -29.07 30.96
N LEU B 275 -22.50 -29.36 31.46
CA LEU B 275 -21.98 -30.72 31.55
C LEU B 275 -22.13 -31.21 32.99
N THR B 276 -22.53 -32.46 33.15
CA THR B 276 -22.72 -33.09 34.44
C THR B 276 -22.09 -34.47 34.43
N PRO B 277 -21.79 -35.02 35.61
CA PRO B 277 -21.32 -36.41 35.65
C PRO B 277 -22.36 -37.33 35.04
N PRO B 278 -21.91 -38.41 34.40
CA PRO B 278 -22.86 -39.28 33.67
C PRO B 278 -23.89 -39.93 34.59
N GLY B 279 -25.14 -39.54 34.44
CA GLY B 279 -26.23 -40.08 35.24
C GLY B 279 -27.35 -40.65 34.40
N GLN B 280 -28.55 -40.13 34.59
CA GLN B 280 -29.74 -40.57 33.84
C GLN B 280 -30.19 -39.42 32.96
N GLY B 281 -29.96 -39.53 31.65
CA GLY B 281 -30.33 -38.50 30.71
C GLY B 281 -29.56 -38.63 29.41
N PRO B 282 -29.52 -37.55 28.62
CA PRO B 282 -28.68 -37.56 27.42
C PRO B 282 -27.21 -37.75 27.80
N GLN B 283 -26.50 -38.51 26.98
CA GLN B 283 -25.12 -38.88 27.26
C GLN B 283 -24.24 -38.52 26.07
N GLY B 284 -22.98 -38.22 26.37
CA GLY B 284 -22.05 -37.86 25.31
C GLY B 284 -20.62 -38.03 25.75
N GLU B 285 -19.72 -37.85 24.79
CA GLU B 285 -18.29 -37.96 25.01
C GLU B 285 -17.61 -36.67 24.54
N VAL B 286 -16.75 -36.11 25.39
CA VAL B 286 -16.05 -34.88 25.05
C VAL B 286 -14.99 -35.18 23.99
N VAL B 287 -15.01 -34.42 22.91
CA VAL B 287 -14.04 -34.58 21.83
C VAL B 287 -13.13 -33.37 21.68
N ALA B 288 -13.43 -32.25 22.33
CA ALA B 288 -12.57 -31.08 22.26
C ALA B 288 -12.84 -30.21 23.48
N ARG B 289 -11.90 -29.30 23.75
CA ARG B 289 -12.02 -28.37 24.86
C ARG B 289 -11.25 -27.12 24.47
N GLU B 290 -11.97 -26.11 23.98
CA GLU B 290 -11.36 -24.90 23.45
C GLU B 290 -11.26 -23.85 24.54
N PHE B 291 -10.08 -23.27 24.68
CA PHE B 291 -9.82 -22.23 25.68
C PHE B 291 -10.01 -20.86 25.03
N LYS B 292 -11.11 -20.20 25.36
CA LYS B 292 -11.40 -18.86 24.87
C LYS B 292 -10.87 -17.76 25.77
N GLY B 293 -10.25 -18.12 26.90
CA GLY B 293 -9.87 -17.12 27.88
C GLY B 293 -10.68 -17.24 29.14
N HIS B 294 -11.62 -16.32 29.33
CA HIS B 294 -12.47 -16.32 30.52
C HIS B 294 -13.37 -17.56 30.61
N ASP B 295 -13.57 -18.27 29.51
CA ASP B 295 -14.49 -19.41 29.50
C ASP B 295 -13.96 -20.48 28.55
N LEU B 296 -14.68 -21.61 28.53
CA LEU B 296 -14.30 -22.78 27.75
C LEU B 296 -15.46 -23.17 26.84
N THR B 297 -15.13 -23.73 25.68
CA THR B 297 -16.13 -24.18 24.71
C THR B 297 -15.88 -25.66 24.41
N TYR B 298 -16.54 -26.52 25.19
CA TYR B 298 -16.45 -27.95 24.97
C TYR B 298 -17.22 -28.36 23.73
N ARG B 299 -16.74 -29.40 23.06
CA ARG B 299 -17.46 -30.07 21.99
C ARG B 299 -17.75 -31.49 22.44
N VAL B 300 -19.01 -31.91 22.32
CA VAL B 300 -19.45 -33.20 22.83
C VAL B 300 -20.17 -33.95 21.72
N ARG B 301 -19.78 -35.19 21.49
CA ARG B 301 -20.46 -36.05 20.52
C ARG B 301 -21.46 -36.93 21.26
N LEU B 302 -22.70 -36.94 20.75
CA LEU B 302 -23.79 -37.65 21.41
C LEU B 302 -23.67 -39.15 21.19
N HIS B 303 -24.09 -39.91 22.20
CA HIS B 303 -24.07 -41.38 22.15
C HIS B 303 -25.47 -41.97 22.32
N GLY B 304 -26.46 -41.34 21.69
CA GLY B 304 -27.83 -41.81 21.74
C GLY B 304 -28.24 -42.67 20.56
N VAL B 305 -27.28 -43.21 19.81
CA VAL B 305 -27.52 -44.06 18.64
C VAL B 305 -28.30 -43.26 17.61
N GLN B 306 -27.82 -42.07 17.28
CA GLN B 306 -28.27 -41.29 16.15
C GLN B 306 -27.12 -41.11 15.16
N PRO B 307 -27.37 -40.53 13.99
CA PRO B 307 -26.25 -40.10 13.15
C PRO B 307 -25.36 -39.12 13.90
N GLU B 308 -24.05 -39.23 13.64
CA GLU B 308 -23.03 -38.51 14.39
C GLU B 308 -23.35 -37.02 14.52
N ARG B 309 -23.59 -36.57 15.75
CA ARG B 309 -23.95 -35.19 16.02
C ARG B 309 -23.05 -34.62 17.09
N GLU B 310 -22.62 -33.38 16.88
CA GLU B 310 -21.70 -32.69 17.78
C GLU B 310 -22.37 -31.43 18.30
N VAL B 311 -22.26 -31.22 19.62
CA VAL B 311 -22.91 -30.09 20.28
C VAL B 311 -21.85 -29.27 21.01
N LEU B 312 -22.02 -27.96 21.00
CA LEU B 312 -21.13 -27.03 21.68
C LEU B 312 -21.71 -26.69 23.06
N VAL B 313 -20.84 -26.66 24.06
CA VAL B 313 -21.23 -26.34 25.43
C VAL B 313 -20.30 -25.25 25.96
N GLN B 314 -20.88 -24.24 26.60
CA GLN B 314 -20.11 -23.15 27.19
C GLN B 314 -19.95 -23.43 28.68
N GLU B 315 -18.72 -23.37 29.17
CA GLU B 315 -18.41 -23.71 30.55
C GLU B 315 -17.46 -22.68 31.16
N GLY B 316 -17.40 -22.68 32.48
CA GLY B 316 -16.51 -21.77 33.19
C GLY B 316 -15.07 -22.20 33.08
N PRO B 317 -14.17 -21.27 33.44
CA PRO B 317 -12.73 -21.56 33.34
C PRO B 317 -12.26 -22.65 34.29
N THR B 318 -13.01 -22.94 35.36
CA THR B 318 -12.64 -23.96 36.33
C THR B 318 -13.36 -25.28 36.10
N CYS B 319 -13.77 -25.55 34.86
CA CYS B 319 -14.48 -26.77 34.55
C CYS B 319 -13.54 -27.97 34.64
N PRO B 320 -13.86 -28.99 35.44
CA PRO B 320 -12.92 -30.11 35.63
C PRO B 320 -12.96 -31.18 34.56
N PHE B 321 -13.81 -31.04 33.54
CA PHE B 321 -13.89 -32.05 32.51
C PHE B 321 -12.73 -31.94 31.52
N LYS B 322 -12.49 -33.03 30.80
CA LYS B 322 -11.37 -33.08 29.87
C LYS B 322 -11.75 -33.98 28.71
N VAL B 323 -11.03 -33.82 27.59
CA VAL B 323 -11.33 -34.54 26.36
C VAL B 323 -11.36 -36.05 26.62
N GLY B 324 -12.34 -36.72 26.01
CA GLY B 324 -12.50 -38.15 26.16
C GLY B 324 -13.38 -38.57 27.31
N ASP B 325 -13.86 -37.64 28.13
CA ASP B 325 -14.66 -37.99 29.29
C ASP B 325 -16.06 -38.43 28.87
N ARG B 326 -16.77 -39.05 29.80
CA ARG B 326 -18.17 -39.43 29.64
C ARG B 326 -19.00 -38.42 30.43
N VAL B 327 -19.89 -37.70 29.73
CA VAL B 327 -20.61 -36.59 30.32
C VAL B 327 -22.09 -36.72 30.03
N GLY B 328 -22.88 -36.00 30.81
CA GLY B 328 -24.31 -35.87 30.57
C GLY B 328 -24.69 -34.42 30.34
N LEU B 329 -25.48 -34.15 29.31
CA LEU B 329 -25.85 -32.79 28.97
C LEU B 329 -27.11 -32.38 29.71
N GLU B 330 -27.09 -31.18 30.28
CA GLU B 330 -28.24 -30.59 30.95
C GLU B 330 -28.58 -29.28 30.29
N VAL B 331 -29.87 -29.04 30.07
CA VAL B 331 -30.35 -27.81 29.46
C VAL B 331 -30.72 -26.82 30.55
N VAL B 332 -30.09 -25.65 30.55
CA VAL B 332 -30.35 -24.61 31.53
C VAL B 332 -30.95 -23.36 30.90
N GLY B 333 -31.11 -23.33 29.58
CA GLY B 333 -31.71 -22.20 28.92
C GLY B 333 -32.85 -22.60 28.01
N GLU B 334 -33.22 -21.72 27.08
CA GLU B 334 -34.33 -21.95 26.18
C GLU B 334 -33.85 -21.96 24.73
N GLY B 335 -34.55 -22.72 23.91
CA GLY B 335 -34.27 -22.78 22.48
C GLY B 335 -35.21 -21.88 21.69
N VAL B 336 -34.69 -21.33 20.61
CA VAL B 336 -35.45 -20.43 19.74
C VAL B 336 -35.86 -21.22 18.50
N ALA B 337 -37.16 -21.31 18.25
CA ALA B 337 -37.67 -22.04 17.10
C ALA B 337 -37.55 -21.16 15.87
N LEU B 338 -36.53 -21.40 15.05
CA LEU B 338 -36.28 -20.57 13.90
C LEU B 338 -37.37 -20.75 12.84
N GLU B 339 -37.56 -19.70 12.05
CA GLU B 339 -38.55 -19.71 10.97
C GLU B 339 -37.94 -20.33 9.72
N GLY B 340 -37.72 -21.64 9.80
CA GLY B 340 -37.13 -22.38 8.70
C GLY B 340 -35.67 -22.04 8.46
N MET C 1 5.49 -33.02 19.60
CA MET C 1 4.55 -34.02 20.07
C MET C 1 5.29 -35.23 20.65
N GLU C 2 6.63 -35.17 20.61
CA GLU C 2 7.49 -36.23 21.09
C GLU C 2 8.20 -35.77 22.36
N ARG C 3 9.08 -36.62 22.89
CA ARG C 3 9.89 -36.29 24.05
C ARG C 3 11.31 -35.88 23.68
N ALA C 4 11.58 -35.70 22.39
CA ALA C 4 12.87 -35.24 21.91
C ALA C 4 12.71 -33.90 21.23
N PRO C 5 13.61 -32.93 21.46
CA PRO C 5 13.44 -31.59 20.89
C PRO C 5 13.81 -31.56 19.42
N LEU C 6 12.85 -31.19 18.58
CA LEU C 6 13.14 -30.94 17.18
C LEU C 6 14.08 -29.76 17.02
N LEU C 7 13.62 -28.57 17.41
CA LEU C 7 14.42 -27.36 17.39
C LEU C 7 14.79 -26.99 18.83
N GLU C 8 16.06 -26.63 19.02
CA GLU C 8 16.52 -26.29 20.36
C GLU C 8 17.59 -25.21 20.28
N LEU C 9 17.29 -24.04 20.83
CA LEU C 9 18.29 -22.99 20.95
C LEU C 9 18.93 -23.06 22.33
N LYS C 10 20.21 -22.69 22.39
CA LYS C 10 20.96 -22.77 23.63
C LYS C 10 21.79 -21.50 23.78
N GLY C 11 21.27 -20.53 24.53
CA GLY C 11 22.00 -19.31 24.82
C GLY C 11 22.24 -18.42 23.63
N ILE C 12 21.27 -18.27 22.74
CA ILE C 12 21.45 -17.47 21.54
C ILE C 12 21.61 -16.01 21.93
N ARG C 13 22.67 -15.38 21.43
CA ARG C 13 22.96 -13.97 21.64
C ARG C 13 23.27 -13.32 20.30
N LYS C 14 22.95 -12.03 20.18
CA LYS C 14 23.13 -11.33 18.92
C LYS C 14 23.19 -9.84 19.17
N ARG C 15 24.23 -9.19 18.64
CA ARG C 15 24.41 -7.75 18.73
C ARG C 15 24.35 -7.14 17.34
N PHE C 16 23.55 -6.09 17.19
CA PHE C 16 23.55 -5.30 15.96
C PHE C 16 24.62 -4.21 16.07
N GLY C 17 25.87 -4.66 16.05
CA GLY C 17 27.00 -3.78 16.28
C GLY C 17 27.25 -3.56 17.76
N GLU C 18 26.41 -2.74 18.38
CA GLU C 18 26.47 -2.50 19.82
C GLU C 18 25.17 -2.84 20.54
N LEU C 19 24.04 -2.62 19.88
CA LEU C 19 22.74 -2.91 20.49
C LEU C 19 22.50 -4.41 20.51
N GLU C 20 22.35 -4.98 21.70
CA GLU C 20 22.09 -6.40 21.85
C GLU C 20 20.60 -6.66 21.69
N VAL C 21 20.23 -7.34 20.62
CA VAL C 21 18.83 -7.64 20.37
C VAL C 21 18.40 -8.95 21.02
N LEU C 22 19.34 -9.86 21.24
CA LEU C 22 19.09 -11.12 21.95
C LEU C 22 20.08 -11.25 23.08
N ARG C 23 19.61 -11.71 24.24
CA ARG C 23 20.40 -11.70 25.46
C ARG C 23 20.33 -13.05 26.16
N GLY C 24 20.54 -14.13 25.41
CA GLY C 24 20.56 -15.44 26.00
C GLY C 24 19.27 -16.21 25.83
N VAL C 25 18.76 -16.24 24.59
CA VAL C 25 17.50 -16.93 24.31
C VAL C 25 17.72 -18.43 24.42
N ASP C 26 16.87 -19.09 25.21
CA ASP C 26 16.81 -20.54 25.30
C ASP C 26 15.39 -20.98 24.96
N LEU C 27 15.27 -21.95 24.07
CA LEU C 27 13.96 -22.35 23.58
C LEU C 27 14.04 -23.75 22.99
N ALA C 28 13.04 -24.56 23.26
CA ALA C 28 12.95 -25.91 22.74
C ALA C 28 11.61 -26.10 22.04
N LEU C 29 11.65 -26.62 20.81
CA LEU C 29 10.46 -26.91 20.04
C LEU C 29 10.36 -28.42 19.83
N TYR C 30 9.16 -28.89 19.56
CA TYR C 30 8.88 -30.31 19.46
C TYR C 30 8.13 -30.60 18.17
N PRO C 31 8.20 -31.83 17.67
CA PRO C 31 7.54 -32.15 16.40
C PRO C 31 6.05 -31.85 16.44
N GLY C 32 5.54 -31.37 15.31
CA GLY C 32 4.12 -31.09 15.19
C GLY C 32 3.60 -30.01 16.11
N GLU C 33 4.49 -29.18 16.65
CA GLU C 33 4.12 -28.19 17.65
C GLU C 33 4.21 -26.79 17.03
N ILE C 34 3.15 -26.01 17.21
CA ILE C 34 3.11 -24.62 16.77
C ILE C 34 3.37 -23.75 17.99
N LEU C 35 4.49 -23.01 17.97
CA LEU C 35 4.86 -22.11 19.05
C LEU C 35 4.86 -20.69 18.52
N ALA C 36 4.11 -19.82 19.19
CA ALA C 36 3.99 -18.42 18.79
C ALA C 36 4.83 -17.55 19.71
N LEU C 37 5.61 -16.65 19.13
CA LEU C 37 6.47 -15.75 19.88
C LEU C 37 5.77 -14.41 20.05
N LEU C 38 5.77 -13.90 21.29
CA LEU C 38 5.07 -12.69 21.65
C LEU C 38 6.03 -11.75 22.38
N GLY C 39 5.75 -10.45 22.29
CA GLY C 39 6.54 -9.46 22.94
C GLY C 39 6.13 -8.05 22.58
N PRO C 40 6.78 -7.05 23.19
CA PRO C 40 6.36 -5.66 22.97
C PRO C 40 6.89 -5.08 21.67
N SER C 41 6.82 -5.84 20.58
CA SER C 41 7.20 -5.40 19.24
C SER C 41 8.63 -4.85 19.18
N GLY C 42 9.43 -5.10 20.22
CA GLY C 42 10.80 -4.65 20.25
C GLY C 42 11.73 -5.62 20.95
N CYS C 43 11.27 -6.86 21.11
CA CYS C 43 12.01 -7.87 21.84
C CYS C 43 12.88 -8.75 20.95
N GLY C 44 12.92 -8.47 19.65
CA GLY C 44 13.75 -9.24 18.75
C GLY C 44 13.21 -10.63 18.47
N LYS C 45 12.00 -10.71 17.94
CA LYS C 45 11.42 -11.97 17.50
C LYS C 45 11.79 -12.26 16.05
N THR C 46 11.68 -11.26 15.19
CA THR C 46 12.12 -11.42 13.81
C THR C 46 13.61 -11.73 13.74
N THR C 47 14.40 -11.12 14.63
CA THR C 47 15.81 -11.45 14.71
C THR C 47 16.01 -12.92 15.11
N LEU C 48 15.19 -13.41 16.03
CA LEU C 48 15.26 -14.82 16.40
C LEU C 48 14.93 -15.73 15.23
N LEU C 49 13.89 -15.38 14.46
CA LEU C 49 13.55 -16.17 13.29
C LEU C 49 14.67 -16.17 12.27
N ARG C 50 15.29 -15.02 12.05
CA ARG C 50 16.39 -14.92 11.10
C ARG C 50 17.60 -15.72 11.58
N VAL C 51 17.88 -15.70 12.88
CA VAL C 51 18.99 -16.50 13.41
C VAL C 51 18.72 -17.98 13.25
N VAL C 52 17.48 -18.41 13.51
CA VAL C 52 17.14 -19.83 13.35
C VAL C 52 17.24 -20.24 11.89
N ALA C 53 16.75 -19.39 10.98
CA ALA C 53 16.77 -19.72 9.55
C ALA C 53 18.16 -19.68 8.94
N GLY C 54 19.15 -19.17 9.66
CA GLY C 54 20.49 -19.02 9.13
C GLY C 54 20.76 -17.70 8.44
N LEU C 55 19.75 -16.85 8.30
CA LEU C 55 19.94 -15.56 7.64
C LEU C 55 20.76 -14.59 8.47
N GLU C 56 21.02 -14.90 9.74
CA GLU C 56 21.88 -14.08 10.59
C GLU C 56 22.76 -15.00 11.41
N VAL C 57 23.95 -14.49 11.76
CA VAL C 57 24.95 -15.25 12.50
C VAL C 57 24.91 -14.78 13.95
N PRO C 58 24.50 -15.61 14.90
CA PRO C 58 24.51 -15.20 16.30
C PRO C 58 25.94 -15.03 16.80
N ASP C 59 26.10 -14.11 17.75
CA ASP C 59 27.40 -13.87 18.36
C ASP C 59 27.76 -14.93 19.39
N ALA C 60 26.82 -15.78 19.78
CA ALA C 60 27.05 -16.87 20.70
C ALA C 60 25.87 -17.83 20.62
N GLY C 61 25.89 -18.87 21.43
CA GLY C 61 24.80 -19.81 21.51
C GLY C 61 24.83 -20.84 20.41
N ARG C 62 24.01 -21.87 20.58
CA ARG C 62 23.96 -23.00 19.66
C ARG C 62 22.53 -23.15 19.14
N VAL C 63 22.42 -23.74 17.95
CA VAL C 63 21.13 -24.09 17.36
C VAL C 63 21.16 -25.55 16.98
N PHE C 64 20.16 -26.31 17.41
CA PHE C 64 20.06 -27.74 17.14
C PHE C 64 18.76 -28.02 16.40
N LEU C 65 18.85 -28.81 15.34
CA LEU C 65 17.69 -29.27 14.58
C LEU C 65 17.78 -30.78 14.42
N GLU C 66 16.74 -31.49 14.86
CA GLU C 66 16.70 -32.95 14.81
C GLU C 66 17.88 -33.58 15.54
N GLY C 67 18.35 -32.93 16.60
CA GLY C 67 19.42 -33.47 17.41
C GLY C 67 20.81 -33.23 16.90
N ARG C 68 20.99 -32.46 15.83
CA ARG C 68 22.29 -32.15 15.27
C ARG C 68 22.49 -30.65 15.21
N ASP C 69 23.71 -30.20 15.49
CA ASP C 69 24.02 -28.78 15.49
C ASP C 69 23.99 -28.25 14.05
N ILE C 70 23.31 -27.12 13.85
CA ILE C 70 23.17 -26.52 12.53
C ILE C 70 23.50 -25.04 12.59
N THR C 71 24.13 -24.59 13.67
CA THR C 71 24.36 -23.16 13.83
C THR C 71 25.37 -22.61 12.84
N ALA C 72 26.26 -23.44 12.32
CA ALA C 72 27.28 -23.01 11.38
C ALA C 72 26.91 -23.23 9.92
N LEU C 73 25.79 -23.90 9.65
CA LEU C 73 25.39 -24.17 8.28
C LEU C 73 24.85 -22.91 7.62
N PRO C 74 25.02 -22.78 6.31
CA PRO C 74 24.38 -21.68 5.58
C PRO C 74 22.88 -21.92 5.47
N PRO C 75 22.10 -20.90 5.11
CA PRO C 75 20.64 -21.07 5.09
C PRO C 75 20.16 -22.19 4.19
N GLU C 76 20.89 -22.51 3.12
CA GLU C 76 20.45 -23.51 2.15
C GLU C 76 20.74 -24.94 2.59
N LYS C 77 21.56 -25.15 3.61
CA LYS C 77 21.93 -26.48 4.06
C LYS C 77 21.14 -26.93 5.29
N ARG C 78 20.17 -26.14 5.74
CA ARG C 78 19.46 -26.43 6.99
C ARG C 78 18.16 -27.19 6.75
N GLY C 79 17.35 -26.75 5.80
CA GLY C 79 16.10 -27.42 5.54
C GLY C 79 14.95 -26.88 6.36
N ILE C 80 14.94 -25.57 6.59
CA ILE C 80 13.93 -24.91 7.41
C ILE C 80 13.16 -23.96 6.50
N GLY C 81 11.85 -24.18 6.38
CA GLY C 81 11.04 -23.31 5.55
C GLY C 81 10.83 -21.96 6.18
N PHE C 82 10.62 -20.96 5.32
CA PHE C 82 10.42 -19.59 5.81
C PHE C 82 9.30 -18.94 5.02
N VAL C 83 8.39 -18.29 5.73
CA VAL C 83 7.32 -17.49 5.13
C VAL C 83 7.49 -16.06 5.63
N PHE C 84 7.62 -15.12 4.70
CA PHE C 84 7.92 -13.74 4.98
C PHE C 84 6.64 -12.90 5.05
N GLN C 85 6.77 -11.69 5.58
CA GLN C 85 5.61 -10.81 5.68
C GLN C 85 5.08 -10.43 4.30
N ASP C 86 5.98 -10.12 3.36
CA ASP C 86 5.60 -9.75 2.01
C ASP C 86 5.57 -10.96 1.07
N TYR C 87 5.79 -12.16 1.61
CA TYR C 87 5.71 -13.43 0.90
C TYR C 87 6.90 -13.64 -0.03
N ALA C 88 7.70 -12.59 -0.25
CA ALA C 88 8.89 -12.63 -1.08
C ALA C 88 8.70 -13.47 -2.33
N LEU C 89 7.65 -13.16 -3.08
CA LEU C 89 7.33 -13.90 -4.29
C LEU C 89 8.14 -13.38 -5.46
N PHE C 90 8.73 -14.30 -6.23
CA PHE C 90 9.54 -13.92 -7.37
C PHE C 90 8.65 -13.45 -8.50
N PRO C 91 8.84 -12.23 -9.02
CA PRO C 91 7.86 -11.68 -9.97
C PRO C 91 7.93 -12.25 -11.38
N HIS C 92 9.04 -12.87 -11.76
CA HIS C 92 9.20 -13.38 -13.11
C HIS C 92 8.68 -14.81 -13.28
N LEU C 93 8.10 -15.39 -12.24
CA LEU C 93 7.62 -16.76 -12.28
C LEU C 93 6.13 -16.79 -12.00
N THR C 94 5.41 -17.63 -12.73
CA THR C 94 4.01 -17.88 -12.41
C THR C 94 3.92 -18.56 -11.04
N ALA C 95 2.71 -18.59 -10.48
CA ALA C 95 2.58 -19.17 -9.16
C ALA C 95 2.50 -20.68 -9.24
N LEU C 96 3.39 -21.29 -10.02
CA LEU C 96 3.68 -22.71 -9.95
C LEU C 96 5.20 -22.85 -9.99
N GLY C 97 5.85 -21.94 -10.71
CA GLY C 97 7.30 -21.90 -10.68
C GLY C 97 7.83 -21.48 -9.32
N ASN C 98 7.12 -20.59 -8.64
CA ASN C 98 7.46 -20.24 -7.27
C ASN C 98 7.45 -21.49 -6.39
N VAL C 99 6.39 -22.30 -6.50
CA VAL C 99 6.28 -23.49 -5.66
C VAL C 99 7.36 -24.52 -6.04
N ALA C 100 7.66 -24.63 -7.33
CA ALA C 100 8.67 -25.58 -7.77
C ALA C 100 10.10 -25.10 -7.53
N PHE C 101 10.28 -23.83 -7.15
CA PHE C 101 11.61 -23.31 -6.86
C PHE C 101 12.33 -24.16 -5.82
N GLY C 102 11.65 -24.50 -4.73
CA GLY C 102 12.28 -25.30 -3.69
C GLY C 102 12.60 -26.71 -4.12
N LEU C 103 11.79 -27.28 -5.00
CA LEU C 103 11.97 -28.67 -5.41
C LEU C 103 13.18 -28.81 -6.32
N LYS C 104 14.11 -29.67 -5.93
CA LYS C 104 15.38 -29.83 -6.64
C LYS C 104 15.33 -30.93 -7.69
N GLY C 105 14.22 -31.66 -7.80
CA GLY C 105 14.11 -32.68 -8.83
C GLY C 105 13.85 -32.07 -10.19
N LYS C 106 14.78 -31.26 -10.68
CA LYS C 106 14.64 -30.55 -11.95
C LYS C 106 13.32 -29.79 -12.01
N ASP C 107 12.95 -29.18 -10.87
CA ASP C 107 11.70 -28.45 -10.72
C ASP C 107 10.49 -29.33 -11.09
N ARG C 108 10.30 -30.38 -10.29
CA ARG C 108 9.09 -31.19 -10.41
C ARG C 108 7.85 -30.31 -10.36
N LEU C 109 6.99 -30.48 -11.35
CA LEU C 109 5.78 -29.68 -11.47
C LEU C 109 4.53 -30.38 -10.95
N ALA C 110 4.50 -31.72 -10.98
CA ALA C 110 3.39 -32.44 -10.38
C ALA C 110 3.32 -32.19 -8.87
N ARG C 111 4.47 -32.23 -8.19
CA ARG C 111 4.51 -31.96 -6.76
C ARG C 111 4.14 -30.51 -6.47
N ALA C 112 4.56 -29.57 -7.34
CA ALA C 112 4.14 -28.18 -7.18
C ALA C 112 2.63 -28.05 -7.31
N ARG C 113 2.04 -28.78 -8.26
CA ARG C 113 0.59 -28.74 -8.42
C ARG C 113 -0.12 -29.31 -7.19
N LYS C 114 0.40 -30.40 -6.65
CA LYS C 114 -0.19 -30.96 -5.43
C LYS C 114 -0.09 -29.97 -4.27
N ALA C 115 1.07 -29.32 -4.11
CA ALA C 115 1.25 -28.35 -3.04
C ALA C 115 0.30 -27.17 -3.21
N LEU C 116 0.09 -26.73 -4.46
CA LEU C 116 -0.87 -25.66 -4.72
C LEU C 116 -2.29 -26.10 -4.43
N GLU C 117 -2.61 -27.37 -4.72
CA GLU C 117 -3.93 -27.89 -4.42
C GLU C 117 -4.18 -27.97 -2.92
N ARG C 118 -3.14 -28.25 -2.13
CA ARG C 118 -3.30 -28.30 -0.68
C ARG C 118 -3.77 -26.95 -0.13
N VAL C 119 -3.24 -25.85 -0.64
CA VAL C 119 -3.64 -24.52 -0.20
C VAL C 119 -4.80 -24.03 -1.04
N GLY C 120 -5.35 -24.93 -1.87
CA GLY C 120 -6.54 -24.62 -2.64
C GLY C 120 -6.40 -23.59 -3.74
N MET C 121 -5.37 -23.74 -4.58
CA MET C 121 -5.20 -22.88 -5.75
C MET C 121 -4.78 -23.75 -6.93
N THR C 122 -5.72 -23.99 -7.85
CA THR C 122 -5.41 -24.72 -9.08
C THR C 122 -5.88 -23.93 -10.30
N LEU C 123 -6.95 -23.15 -10.13
CA LEU C 123 -7.43 -22.32 -11.22
C LEU C 123 -6.49 -21.15 -11.51
N PHE C 124 -5.71 -20.72 -10.52
CA PHE C 124 -4.80 -19.59 -10.67
C PHE C 124 -3.34 -20.02 -10.56
N GLN C 125 -3.03 -21.28 -10.83
CA GLN C 125 -1.67 -21.77 -10.72
C GLN C 125 -0.75 -21.23 -11.81
N ASP C 126 -1.30 -20.57 -12.83
CA ASP C 126 -0.51 -20.00 -13.90
C ASP C 126 -0.61 -18.48 -13.94
N ARG C 127 -0.73 -17.86 -12.76
CA ARG C 127 -0.83 -16.42 -12.64
C ARG C 127 0.41 -15.90 -11.91
N ARG C 128 1.01 -14.85 -12.46
CA ARG C 128 2.18 -14.26 -11.83
C ARG C 128 1.76 -13.48 -10.58
N PRO C 129 2.69 -13.28 -9.64
CA PRO C 129 2.32 -12.62 -8.38
C PRO C 129 1.77 -11.22 -8.56
N GLY C 130 2.02 -10.57 -9.70
CA GLY C 130 1.46 -9.25 -9.92
C GLY C 130 -0.04 -9.26 -10.10
N GLU C 131 -0.61 -10.39 -10.54
CA GLU C 131 -2.03 -10.53 -10.76
C GLU C 131 -2.67 -11.48 -9.75
N LEU C 132 -2.21 -11.43 -8.50
CA LEU C 132 -2.73 -12.26 -7.43
C LEU C 132 -3.10 -11.37 -6.25
N SER C 133 -4.12 -11.80 -5.50
CA SER C 133 -4.58 -11.04 -4.35
C SER C 133 -3.74 -11.39 -3.12
N GLY C 134 -4.03 -10.71 -2.01
CA GLY C 134 -3.25 -10.90 -0.79
C GLY C 134 -3.35 -12.32 -0.24
N GLY C 135 -4.57 -12.84 -0.15
CA GLY C 135 -4.75 -14.20 0.34
C GLY C 135 -4.18 -15.22 -0.62
N GLN C 136 -4.31 -14.99 -1.92
CA GLN C 136 -3.74 -15.89 -2.91
C GLN C 136 -2.22 -15.87 -2.84
N GLN C 137 -1.62 -14.69 -2.66
CA GLN C 137 -0.17 -14.60 -2.48
C GLN C 137 0.25 -15.32 -1.21
N GLN C 138 -0.53 -15.20 -0.13
CA GLN C 138 -0.22 -15.90 1.10
C GLN C 138 -0.22 -17.42 0.89
N ARG C 139 -1.24 -17.92 0.19
CA ARG C 139 -1.32 -19.35 -0.05
C ARG C 139 -0.18 -19.83 -0.94
N VAL C 140 0.20 -19.03 -1.94
CA VAL C 140 1.32 -19.39 -2.80
C VAL C 140 2.61 -19.43 -1.99
N ALA C 141 2.82 -18.46 -1.10
CA ALA C 141 4.03 -18.44 -0.29
C ALA C 141 4.08 -19.63 0.66
N LEU C 142 2.95 -19.98 1.28
CA LEU C 142 2.93 -21.14 2.17
C LEU C 142 3.21 -22.42 1.41
N ALA C 143 2.61 -22.58 0.22
CA ALA C 143 2.86 -23.76 -0.59
C ALA C 143 4.32 -23.84 -1.03
N ARG C 144 4.91 -22.70 -1.38
CA ARG C 144 6.32 -22.67 -1.75
C ARG C 144 7.20 -23.09 -0.59
N ALA C 145 6.89 -22.60 0.61
CA ALA C 145 7.69 -22.94 1.79
C ALA C 145 7.57 -24.42 2.14
N LEU C 146 6.35 -24.97 2.03
CA LEU C 146 6.11 -26.35 2.46
C LEU C 146 6.35 -27.38 1.37
N ALA C 147 6.56 -26.97 0.12
CA ALA C 147 6.74 -27.93 -0.97
C ALA C 147 7.98 -28.81 -0.79
N PRO C 148 9.16 -28.30 -0.44
CA PRO C 148 10.31 -29.19 -0.23
C PRO C 148 10.15 -30.15 0.93
N GLY C 149 9.03 -30.10 1.65
CA GLY C 149 8.78 -30.98 2.77
C GLY C 149 9.75 -30.79 3.91
N PRO C 150 9.70 -29.63 4.56
CA PRO C 150 10.53 -29.42 5.74
C PRO C 150 9.82 -29.89 7.00
N LYS C 151 10.61 -30.12 8.05
CA LYS C 151 10.08 -30.48 9.36
C LYS C 151 9.89 -29.28 10.26
N LEU C 152 10.26 -28.08 9.81
CA LEU C 152 10.14 -26.87 10.62
C LEU C 152 9.95 -25.68 9.70
N VAL C 153 8.89 -24.91 9.95
CA VAL C 153 8.55 -23.74 9.16
C VAL C 153 8.48 -22.53 10.08
N LEU C 154 9.21 -21.48 9.72
CA LEU C 154 9.13 -20.20 10.41
C LEU C 154 8.17 -19.30 9.66
N LEU C 155 7.28 -18.62 10.39
CA LEU C 155 6.26 -17.77 9.80
C LEU C 155 6.34 -16.41 10.46
N ASP C 156 6.76 -15.40 9.68
CA ASP C 156 6.92 -14.03 10.19
C ASP C 156 5.66 -13.25 9.87
N GLU C 157 4.75 -13.19 10.85
CA GLU C 157 3.49 -12.43 10.76
C GLU C 157 2.78 -12.71 9.44
N PRO C 158 2.29 -13.93 9.23
CA PRO C 158 1.78 -14.29 7.90
C PRO C 158 0.51 -13.56 7.52
N PHE C 159 -0.52 -13.60 8.37
CA PHE C 159 -1.83 -13.08 8.03
C PHE C 159 -2.02 -11.63 8.44
N SER C 160 -0.97 -10.96 8.90
CA SER C 160 -1.10 -9.57 9.35
C SER C 160 -1.49 -8.64 8.21
N SER C 161 -1.16 -9.00 6.97
CA SER C 161 -1.44 -8.15 5.82
C SER C 161 -2.79 -8.42 5.17
N LEU C 162 -3.50 -9.46 5.60
CA LEU C 162 -4.77 -9.80 4.99
C LEU C 162 -5.88 -8.87 5.48
N ASP C 163 -7.08 -9.05 4.94
CA ASP C 163 -8.23 -8.29 5.39
C ASP C 163 -8.72 -8.81 6.74
N ALA C 164 -9.56 -8.01 7.39
CA ALA C 164 -10.06 -8.39 8.71
C ALA C 164 -10.92 -9.65 8.64
N GLY C 165 -11.77 -9.78 7.63
CA GLY C 165 -12.65 -10.92 7.54
C GLY C 165 -11.98 -12.20 7.08
N LEU C 166 -10.95 -12.08 6.23
CA LEU C 166 -10.32 -13.25 5.65
C LEU C 166 -9.36 -13.94 6.61
N ARG C 167 -8.89 -13.23 7.63
CA ARG C 167 -7.86 -13.77 8.52
C ARG C 167 -8.37 -14.99 9.29
N ALA C 168 -9.62 -14.92 9.79
CA ALA C 168 -10.13 -16.00 10.62
C ALA C 168 -10.22 -17.32 9.86
N ALA C 169 -10.50 -17.26 8.56
CA ALA C 169 -10.59 -18.49 7.77
C ALA C 169 -9.22 -18.92 7.26
N THR C 170 -8.38 -17.97 6.83
CA THR C 170 -7.04 -18.32 6.37
C THR C 170 -6.21 -18.95 7.48
N ARG C 171 -6.36 -18.44 8.70
CA ARG C 171 -5.64 -18.98 9.84
C ARG C 171 -6.00 -20.44 10.08
N GLU C 172 -7.30 -20.76 10.06
CA GLU C 172 -7.75 -22.12 10.28
C GLU C 172 -7.27 -23.04 9.16
N GLU C 173 -7.36 -22.58 7.91
CA GLU C 173 -6.92 -23.40 6.80
C GLU C 173 -5.42 -23.69 6.87
N VAL C 174 -4.62 -22.67 7.19
CA VAL C 174 -3.18 -22.87 7.31
C VAL C 174 -2.87 -23.81 8.46
N ARG C 175 -3.59 -23.67 9.58
CA ARG C 175 -3.35 -24.55 10.71
C ARG C 175 -3.67 -26.00 10.37
N LYS C 176 -4.79 -26.24 9.67
CA LYS C 176 -5.12 -27.63 9.33
C LYS C 176 -4.14 -28.19 8.32
N VAL C 177 -3.66 -27.36 7.39
CA VAL C 177 -2.64 -27.81 6.45
C VAL C 177 -1.37 -28.22 7.20
N LEU C 178 -0.93 -27.37 8.14
CA LEU C 178 0.28 -27.67 8.90
C LEU C 178 0.13 -28.93 9.73
N LYS C 179 -1.04 -29.10 10.37
CA LYS C 179 -1.24 -30.25 11.24
C LYS C 179 -1.39 -31.54 10.44
N GLU C 180 -2.02 -31.50 9.27
CA GLU C 180 -2.14 -32.71 8.48
C GLU C 180 -0.83 -33.09 7.80
N THR C 181 -0.03 -32.09 7.40
CA THR C 181 1.27 -32.38 6.80
C THR C 181 2.23 -32.95 7.84
N GLY C 182 2.22 -32.41 9.05
CA GLY C 182 3.06 -32.89 10.12
C GLY C 182 4.33 -32.10 10.36
N THR C 183 4.30 -30.78 10.19
CA THR C 183 5.47 -29.93 10.34
C THR C 183 5.30 -28.99 11.52
N ALA C 184 6.35 -28.85 12.32
CA ALA C 184 6.35 -27.86 13.39
C ALA C 184 6.47 -26.46 12.83
N ALA C 185 5.94 -25.49 13.57
CA ALA C 185 5.96 -24.10 13.15
C ALA C 185 6.46 -23.21 14.27
N LEU C 186 7.20 -22.17 13.89
CA LEU C 186 7.62 -21.12 14.81
C LEU C 186 7.06 -19.81 14.26
N LEU C 187 6.10 -19.24 14.98
CA LEU C 187 5.30 -18.12 14.49
C LEU C 187 5.67 -16.86 15.26
N VAL C 188 5.81 -15.75 14.53
CA VAL C 188 5.93 -14.43 15.15
C VAL C 188 4.65 -13.66 14.83
N THR C 189 3.97 -13.21 15.87
CA THR C 189 2.66 -12.60 15.69
C THR C 189 2.46 -11.49 16.70
N HIS C 190 1.56 -10.56 16.34
CA HIS C 190 1.14 -9.47 17.21
C HIS C 190 -0.37 -9.50 17.39
N ASP C 191 -0.94 -10.71 17.44
CA ASP C 191 -2.38 -10.91 17.50
C ASP C 191 -2.73 -11.73 18.73
N GLN C 192 -3.91 -11.46 19.28
CA GLN C 192 -4.40 -12.18 20.46
C GLN C 192 -5.15 -13.45 20.08
N GLU C 193 -6.11 -13.34 19.15
CA GLU C 193 -6.85 -14.51 18.71
C GLU C 193 -5.96 -15.53 18.02
N GLU C 194 -4.99 -15.09 17.23
CA GLU C 194 -4.05 -16.00 16.60
C GLU C 194 -3.24 -16.76 17.65
N ALA C 195 -2.74 -16.05 18.66
CA ALA C 195 -1.98 -16.71 19.71
C ALA C 195 -2.84 -17.67 20.52
N LEU C 196 -4.11 -17.33 20.73
CA LEU C 196 -4.98 -18.17 21.54
C LEU C 196 -5.43 -19.42 20.80
N SER C 197 -5.74 -19.31 19.52
CA SER C 197 -6.33 -20.41 18.76
C SER C 197 -5.33 -21.13 17.86
N PHE C 198 -4.60 -20.39 17.03
CA PHE C 198 -3.69 -21.01 16.07
C PHE C 198 -2.55 -21.75 16.77
N ALA C 199 -1.90 -21.09 17.72
CA ALA C 199 -0.70 -21.64 18.33
C ALA C 199 -1.03 -22.74 19.32
N ASP C 200 -0.12 -23.71 19.42
CA ASP C 200 -0.20 -24.74 20.45
C ASP C 200 0.47 -24.32 21.74
N ARG C 201 1.54 -23.53 21.66
CA ARG C 201 2.23 -23.02 22.83
C ARG C 201 2.67 -21.58 22.57
N LEU C 202 2.96 -20.87 23.66
CA LEU C 202 3.35 -19.48 23.61
C LEU C 202 4.72 -19.29 24.22
N GLY C 203 5.48 -18.35 23.66
CA GLY C 203 6.76 -17.97 24.22
C GLY C 203 6.90 -16.46 24.23
N VAL C 204 7.11 -15.88 25.40
CA VAL C 204 7.11 -14.43 25.57
C VAL C 204 8.54 -13.96 25.77
N MET C 205 8.90 -12.86 25.10
CA MET C 205 10.25 -12.33 25.11
C MET C 205 10.27 -10.91 25.66
N ARG C 206 11.14 -10.66 26.63
CA ARG C 206 11.45 -9.32 27.11
C ARG C 206 12.87 -8.97 26.70
N GLY C 207 13.01 -7.98 25.83
CA GLY C 207 14.33 -7.48 25.47
C GLY C 207 15.27 -8.54 24.95
N GLY C 208 14.77 -9.44 24.11
CA GLY C 208 15.61 -10.51 23.60
C GLY C 208 15.92 -11.60 24.59
N GLU C 209 15.10 -11.77 25.63
CA GLU C 209 15.27 -12.89 26.55
C GLU C 209 13.91 -13.53 26.79
N ILE C 210 13.86 -14.85 26.64
CA ILE C 210 12.63 -15.59 26.90
C ILE C 210 12.33 -15.57 28.38
N LEU C 211 11.14 -15.11 28.77
CA LEU C 211 10.78 -15.09 30.18
C LEU C 211 9.64 -16.03 30.55
N GLN C 212 8.72 -16.31 29.64
CA GLN C 212 7.62 -17.23 29.95
C GLN C 212 7.26 -18.03 28.71
N VAL C 213 7.28 -19.34 28.83
CA VAL C 213 6.87 -20.26 27.77
C VAL C 213 5.90 -21.26 28.36
N GLY C 214 4.77 -21.47 27.68
CA GLY C 214 3.82 -22.47 28.12
C GLY C 214 2.62 -22.50 27.22
N THR C 215 1.71 -23.40 27.54
CA THR C 215 0.43 -23.48 26.83
C THR C 215 -0.31 -22.16 27.00
N PRO C 216 -1.10 -21.74 26.01
CA PRO C 216 -1.84 -20.48 26.16
C PRO C 216 -2.67 -20.40 27.43
N GLU C 217 -3.27 -21.52 27.86
CA GLU C 217 -3.98 -21.52 29.13
C GLU C 217 -3.04 -21.28 30.30
N GLU C 218 -1.87 -21.90 30.29
CA GLU C 218 -0.91 -21.73 31.39
C GLU C 218 -0.42 -20.29 31.45
N VAL C 219 -0.17 -19.68 30.29
CA VAL C 219 0.27 -18.28 30.26
C VAL C 219 -0.85 -17.35 30.70
N TYR C 220 -2.09 -17.66 30.31
CA TYR C 220 -3.23 -16.85 30.73
C TYR C 220 -3.43 -16.92 32.24
N LEU C 221 -3.37 -18.12 32.82
CA LEU C 221 -3.66 -18.27 34.24
C LEU C 221 -2.52 -17.74 35.10
N ARG C 222 -1.28 -17.91 34.66
CA ARG C 222 -0.10 -17.55 35.45
C ARG C 222 0.81 -16.66 34.63
N PRO C 223 0.48 -15.38 34.50
CA PRO C 223 1.37 -14.43 33.82
C PRO C 223 2.50 -14.00 34.76
N LYS C 224 3.44 -13.26 34.21
CA LYS C 224 4.58 -12.78 34.99
C LYS C 224 4.73 -11.27 34.95
N THR C 225 4.46 -10.64 33.81
CA THR C 225 4.57 -9.19 33.68
C THR C 225 3.26 -8.62 33.17
N PRO C 226 2.99 -7.33 33.46
CA PRO C 226 1.71 -6.75 33.02
C PRO C 226 1.48 -6.83 31.53
N PHE C 227 2.53 -6.75 30.71
CA PHE C 227 2.35 -6.85 29.27
C PHE C 227 1.71 -8.17 28.89
N VAL C 228 2.20 -9.27 29.47
CA VAL C 228 1.63 -10.59 29.19
C VAL C 228 0.18 -10.64 29.65
N ALA C 229 -0.09 -10.09 30.84
CA ALA C 229 -1.44 -10.13 31.40
C ALA C 229 -2.43 -9.43 30.50
N GLN C 230 -2.09 -8.23 30.00
CA GLN C 230 -3.00 -7.54 29.09
C GLN C 230 -3.02 -8.18 27.70
N PHE C 231 -1.91 -8.79 27.28
CA PHE C 231 -1.88 -9.38 25.94
C PHE C 231 -2.83 -10.57 25.85
N LEU C 232 -2.80 -11.45 26.84
CA LEU C 232 -3.66 -12.62 26.79
C LEU C 232 -5.13 -12.25 26.96
N GLY C 233 -5.42 -11.21 27.72
CA GLY C 233 -6.79 -10.74 27.86
C GLY C 233 -6.86 -9.57 28.83
N ARG C 234 -7.98 -8.88 28.79
CA ARG C 234 -8.21 -7.75 29.69
C ARG C 234 -8.16 -8.21 31.14
N THR C 235 -7.59 -7.36 32.00
CA THR C 235 -7.33 -7.73 33.38
C THR C 235 -7.31 -6.46 34.22
N ASN C 236 -7.33 -6.65 35.54
CA ASN C 236 -7.31 -5.55 36.50
C ASN C 236 -5.95 -5.54 37.21
N LEU C 237 -5.20 -4.46 37.04
CA LEU C 237 -3.91 -4.28 37.71
C LEU C 237 -4.14 -3.46 38.97
N LEU C 238 -3.88 -4.06 40.12
CA LEU C 238 -4.15 -3.45 41.41
C LEU C 238 -2.88 -3.36 42.24
N PRO C 239 -2.40 -2.18 42.59
CA PRO C 239 -1.39 -2.09 43.65
C PRO C 239 -1.92 -2.73 44.93
N GLY C 240 -1.03 -3.39 45.67
CA GLY C 240 -1.48 -3.98 46.91
C GLY C 240 -0.30 -4.39 47.79
N GLU C 241 -0.64 -4.95 48.94
CA GLU C 241 0.33 -5.48 49.88
C GLU C 241 -0.04 -6.92 50.21
N GLY C 242 0.93 -7.83 50.12
CA GLY C 242 0.71 -9.21 50.47
C GLY C 242 1.33 -9.52 51.82
N ARG C 243 0.55 -10.16 52.69
CA ARG C 243 1.00 -10.52 54.03
C ARG C 243 1.01 -12.02 54.27
N GLY C 244 0.51 -12.82 53.33
CA GLY C 244 0.46 -14.26 53.50
C GLY C 244 -0.14 -14.95 52.30
N ARG C 245 -1.06 -15.88 52.53
CA ARG C 245 -1.76 -16.55 51.44
C ARG C 245 -2.71 -15.63 50.69
N TYR C 246 -2.99 -14.45 51.23
CA TYR C 246 -3.86 -13.46 50.60
C TYR C 246 -3.08 -12.17 50.39
N ALA C 247 -3.79 -11.13 49.97
CA ALA C 247 -3.22 -9.80 49.83
C ALA C 247 -4.29 -8.77 50.11
N GLU C 248 -3.86 -7.57 50.48
CA GLU C 248 -4.76 -6.46 50.78
C GLU C 248 -4.67 -5.45 49.66
N THR C 249 -5.75 -5.28 48.91
CA THR C 249 -5.82 -4.34 47.80
C THR C 249 -7.02 -3.42 47.99
N CYS C 250 -7.20 -2.51 47.03
CA CYS C 250 -8.29 -1.54 47.09
C CYS C 250 -9.66 -2.22 47.04
N LEU C 251 -9.74 -3.45 46.53
CA LEU C 251 -10.98 -4.20 46.49
C LEU C 251 -11.19 -5.04 47.75
N GLY C 252 -10.27 -4.97 48.71
CA GLY C 252 -10.42 -5.72 49.94
C GLY C 252 -9.34 -6.76 50.14
N ARG C 253 -9.75 -8.00 50.39
CA ARG C 253 -8.85 -9.11 50.68
C ARG C 253 -8.91 -10.07 49.50
N VAL C 254 -7.88 -10.04 48.66
CA VAL C 254 -7.83 -10.81 47.42
C VAL C 254 -6.94 -12.04 47.59
N PRO C 255 -7.41 -13.23 47.22
CA PRO C 255 -6.55 -14.42 47.28
C PRO C 255 -5.37 -14.29 46.34
N LEU C 256 -4.22 -14.81 46.77
CA LEU C 256 -3.01 -14.83 45.97
C LEU C 256 -2.85 -16.18 45.28
N ALA C 257 -2.03 -16.19 44.23
CA ALA C 257 -1.83 -17.40 43.45
C ALA C 257 -1.20 -18.50 44.30
N GLU C 258 0.04 -18.29 44.73
CA GLU C 258 0.66 -19.17 45.73
C GLU C 258 1.05 -18.41 46.99
N ALA C 259 1.93 -17.41 46.88
CA ALA C 259 2.41 -16.64 48.03
C ALA C 259 3.31 -15.50 47.59
N ARG C 260 3.29 -14.40 48.33
CA ARG C 260 4.22 -13.29 48.16
C ARG C 260 4.01 -12.31 49.30
N GLU C 261 5.07 -11.63 49.71
CA GLU C 261 5.04 -10.70 50.84
C GLU C 261 5.59 -9.35 50.43
N GLY C 262 5.04 -8.29 51.02
CA GLY C 262 5.45 -6.94 50.75
C GLY C 262 4.57 -6.24 49.74
N PRO C 263 4.94 -5.03 49.35
CA PRO C 263 4.22 -4.34 48.26
C PRO C 263 4.36 -5.12 46.96
N LEU C 264 3.30 -5.08 46.16
CA LEU C 264 3.27 -5.85 44.92
C LEU C 264 2.20 -5.29 44.00
N LEU C 265 2.24 -5.76 42.75
CA LEU C 265 1.21 -5.51 41.76
C LEU C 265 0.43 -6.79 41.54
N LEU C 266 -0.88 -6.67 41.39
CA LEU C 266 -1.76 -7.83 41.27
C LEU C 266 -2.51 -7.80 39.95
N SER C 267 -2.62 -8.96 39.31
CA SER C 267 -3.50 -9.13 38.17
C SER C 267 -4.72 -9.92 38.62
N LEU C 268 -5.90 -9.32 38.46
CA LEU C 268 -7.17 -9.95 38.82
C LEU C 268 -8.07 -9.87 37.59
N ARG C 269 -8.37 -11.02 37.01
CA ARG C 269 -9.14 -11.05 35.79
C ARG C 269 -10.60 -10.64 36.05
N PRO C 270 -11.30 -10.13 35.04
CA PRO C 270 -12.71 -9.78 35.24
C PRO C 270 -13.58 -10.95 35.68
N GLU C 271 -13.26 -12.17 35.23
CA GLU C 271 -14.06 -13.32 35.61
C GLU C 271 -13.85 -13.73 37.06
N ALA C 272 -12.87 -13.14 37.75
CA ALA C 272 -12.61 -13.41 39.15
C ALA C 272 -13.41 -12.51 40.09
N LEU C 273 -14.29 -11.67 39.56
CA LEU C 273 -15.07 -10.74 40.36
C LEU C 273 -16.55 -10.92 40.05
N ARG C 274 -17.38 -10.63 41.04
CA ARG C 274 -18.82 -10.74 40.93
C ARG C 274 -19.49 -9.49 41.47
N LEU C 275 -20.65 -9.16 40.90
CA LEU C 275 -21.44 -8.02 41.31
C LEU C 275 -22.57 -8.46 42.23
N THR C 276 -22.75 -7.74 43.33
CA THR C 276 -23.76 -8.04 44.33
C THR C 276 -24.58 -6.78 44.61
N PRO C 277 -25.80 -6.93 45.11
CA PRO C 277 -26.57 -5.76 45.54
C PRO C 277 -25.82 -5.00 46.62
N PRO C 278 -25.96 -3.68 46.66
CA PRO C 278 -25.19 -2.87 47.61
C PRO C 278 -25.32 -3.32 49.06
N GLY C 279 -24.23 -3.82 49.62
CA GLY C 279 -24.20 -4.24 51.01
C GLY C 279 -22.88 -3.88 51.67
N GLN C 280 -22.25 -4.85 52.32
CA GLN C 280 -20.93 -4.65 52.90
C GLN C 280 -19.88 -4.81 51.80
N GLY C 281 -18.61 -4.80 52.19
CA GLY C 281 -17.52 -4.94 51.25
C GLY C 281 -17.32 -3.70 50.42
N PRO C 282 -16.51 -3.81 49.36
CA PRO C 282 -16.26 -2.64 48.51
C PRO C 282 -17.49 -2.28 47.70
N GLN C 283 -17.74 -0.97 47.60
CA GLN C 283 -18.88 -0.42 46.88
C GLN C 283 -18.41 0.28 45.62
N GLY C 284 -19.33 0.42 44.66
CA GLY C 284 -18.99 1.10 43.43
C GLY C 284 -20.23 1.43 42.63
N GLU C 285 -20.02 2.10 41.51
CA GLU C 285 -21.09 2.46 40.59
C GLU C 285 -20.78 1.92 39.20
N VAL C 286 -21.80 1.40 38.53
CA VAL C 286 -21.63 0.84 37.20
C VAL C 286 -21.51 1.99 36.21
N VAL C 287 -20.37 2.04 35.51
CA VAL C 287 -20.12 3.08 34.52
C VAL C 287 -20.52 2.63 33.13
N ALA C 288 -20.25 1.37 32.78
CA ALA C 288 -20.59 0.83 31.47
C ALA C 288 -21.09 -0.59 31.63
N ARG C 289 -21.69 -1.11 30.55
CA ARG C 289 -22.21 -2.48 30.54
C ARG C 289 -22.17 -2.96 29.09
N GLU C 290 -21.18 -3.80 28.77
CA GLU C 290 -21.00 -4.30 27.43
C GLU C 290 -21.79 -5.60 27.26
N PHE C 291 -22.48 -5.73 26.12
CA PHE C 291 -23.18 -6.95 25.77
C PHE C 291 -22.35 -7.69 24.73
N LYS C 292 -21.99 -8.94 25.05
CA LYS C 292 -21.13 -9.74 24.18
C LYS C 292 -21.77 -11.06 23.81
N GLY C 293 -23.08 -11.21 24.04
CA GLY C 293 -23.75 -12.46 23.76
C GLY C 293 -23.82 -13.36 24.97
N HIS C 294 -22.88 -14.30 25.07
CA HIS C 294 -22.87 -15.27 26.15
C HIS C 294 -22.47 -14.68 27.49
N ASP C 295 -22.01 -13.42 27.53
CA ASP C 295 -21.58 -12.83 28.78
C ASP C 295 -21.69 -11.31 28.70
N LEU C 296 -21.64 -10.68 29.87
CA LEU C 296 -21.64 -9.23 29.99
C LEU C 296 -20.36 -8.78 30.68
N THR C 297 -19.88 -7.60 30.29
CA THR C 297 -18.63 -7.05 30.83
C THR C 297 -18.93 -5.68 31.44
N TYR C 298 -19.24 -5.67 32.73
CA TYR C 298 -19.49 -4.44 33.45
C TYR C 298 -18.19 -3.74 33.80
N ARG C 299 -18.27 -2.42 33.98
CA ARG C 299 -17.18 -1.64 34.52
C ARG C 299 -17.69 -0.89 35.75
N VAL C 300 -16.93 -0.91 36.83
CA VAL C 300 -17.36 -0.37 38.11
C VAL C 300 -16.32 0.63 38.60
N ARG C 301 -16.77 1.83 38.92
CA ARG C 301 -15.93 2.86 39.54
C ARG C 301 -16.07 2.74 41.05
N LEU C 302 -14.95 2.55 41.73
CA LEU C 302 -14.94 2.34 43.18
C LEU C 302 -15.16 3.67 43.91
N HIS C 303 -15.56 3.54 45.19
CA HIS C 303 -15.94 4.69 45.99
C HIS C 303 -14.95 5.00 47.11
N GLY C 304 -14.60 4.00 47.92
CA GLY C 304 -13.71 4.25 49.04
C GLY C 304 -12.30 4.61 48.63
N VAL C 305 -11.92 4.28 47.40
CA VAL C 305 -10.57 4.55 46.92
C VAL C 305 -10.48 6.04 46.60
N GLN C 306 -9.52 6.72 47.23
CA GLN C 306 -9.38 8.16 47.01
C GLN C 306 -9.02 8.50 45.58
N PRO C 307 -8.02 7.89 44.93
CA PRO C 307 -7.85 8.10 43.50
C PRO C 307 -8.94 7.39 42.71
N GLU C 308 -9.15 7.86 41.49
CA GLU C 308 -10.14 7.22 40.61
C GLU C 308 -9.66 5.84 40.23
N ARG C 309 -10.53 4.84 40.41
CA ARG C 309 -10.20 3.44 40.14
C ARG C 309 -11.41 2.75 39.55
N GLU C 310 -11.23 2.10 38.40
CA GLU C 310 -12.29 1.38 37.72
C GLU C 310 -11.85 -0.05 37.45
N VAL C 311 -12.75 -0.99 37.67
CA VAL C 311 -12.47 -2.42 37.55
C VAL C 311 -13.47 -3.05 36.60
N LEU C 312 -13.00 -4.04 35.82
CA LEU C 312 -13.86 -4.80 34.93
C LEU C 312 -14.38 -6.04 35.64
N VAL C 313 -15.65 -6.36 35.40
CA VAL C 313 -16.29 -7.52 36.00
C VAL C 313 -17.00 -8.30 34.91
N GLN C 314 -16.77 -9.62 34.88
CA GLN C 314 -17.43 -10.50 33.93
C GLN C 314 -18.66 -11.11 34.59
N GLU C 315 -19.79 -11.06 33.88
CA GLU C 315 -21.05 -11.52 34.42
C GLU C 315 -21.81 -12.32 33.36
N GLY C 316 -22.74 -13.14 33.83
CA GLY C 316 -23.54 -13.96 32.96
C GLY C 316 -24.58 -13.17 32.20
N PRO C 317 -25.21 -13.79 31.20
CA PRO C 317 -26.20 -13.08 30.39
C PRO C 317 -27.44 -12.68 31.16
N THR C 318 -27.74 -13.32 32.29
CA THR C 318 -28.96 -13.09 33.04
C THR C 318 -28.77 -12.10 34.19
N CYS C 319 -27.74 -11.27 34.12
CA CYS C 319 -27.50 -10.30 35.18
C CYS C 319 -28.57 -9.21 35.13
N PRO C 320 -29.31 -8.98 36.22
CA PRO C 320 -30.31 -7.91 36.26
C PRO C 320 -29.74 -6.58 36.75
N PHE C 321 -28.69 -6.11 36.11
CA PHE C 321 -28.00 -4.90 36.52
C PHE C 321 -27.92 -3.94 35.33
N LYS C 322 -27.91 -2.64 35.65
CA LYS C 322 -28.00 -1.60 34.64
C LYS C 322 -26.96 -0.53 34.94
N VAL C 323 -26.55 0.18 33.87
CA VAL C 323 -25.58 1.26 34.02
C VAL C 323 -26.11 2.32 34.99
N GLY C 324 -25.24 2.77 35.89
CA GLY C 324 -25.60 3.76 36.88
C GLY C 324 -26.09 3.20 38.20
N ASP C 325 -26.29 1.90 38.29
CA ASP C 325 -26.72 1.29 39.55
C ASP C 325 -25.55 1.19 40.52
N ARG C 326 -25.88 1.19 41.82
CA ARG C 326 -24.88 0.96 42.84
C ARG C 326 -24.67 -0.54 43.02
N VAL C 327 -23.42 -0.94 43.22
CA VAL C 327 -23.05 -2.34 43.29
C VAL C 327 -22.04 -2.56 44.41
N GLY C 328 -21.94 -3.81 44.84
CA GLY C 328 -20.86 -4.25 45.72
C GLY C 328 -20.04 -5.30 45.01
N LEU C 329 -18.75 -5.31 45.30
CA LEU C 329 -17.81 -6.17 44.60
C LEU C 329 -17.43 -7.36 45.47
N GLU C 330 -17.50 -8.55 44.89
CA GLU C 330 -17.10 -9.78 45.55
C GLU C 330 -15.95 -10.41 44.80
N VAL C 331 -14.95 -10.89 45.53
CA VAL C 331 -13.78 -11.53 44.94
C VAL C 331 -13.93 -13.03 45.11
N VAL C 332 -14.04 -13.75 44.01
CA VAL C 332 -14.22 -15.19 44.02
C VAL C 332 -12.99 -15.93 43.51
N GLY C 333 -12.31 -15.37 42.51
CA GLY C 333 -11.14 -16.00 41.95
C GLY C 333 -9.87 -15.70 42.73
N GLU C 334 -8.75 -16.06 42.12
CA GLU C 334 -7.43 -15.89 42.72
C GLU C 334 -6.62 -14.93 41.87
N GLY C 335 -6.01 -13.93 42.51
CA GLY C 335 -5.15 -13.02 41.80
C GLY C 335 -3.75 -13.59 41.58
N VAL C 336 -3.01 -12.95 40.69
CA VAL C 336 -1.64 -13.35 40.36
C VAL C 336 -0.72 -12.19 40.67
N ALA C 337 0.27 -12.43 41.53
CA ALA C 337 1.19 -11.38 41.93
C ALA C 337 2.26 -11.21 40.86
N LEU C 338 2.19 -10.12 40.10
CA LEU C 338 3.15 -9.88 39.03
C LEU C 338 4.50 -9.44 39.61
N GLU C 339 5.58 -9.92 39.00
CA GLU C 339 6.91 -9.53 39.45
C GLU C 339 7.25 -8.11 39.00
N GLY C 340 6.80 -7.71 37.82
CA GLY C 340 7.07 -6.39 37.31
C GLY C 340 7.53 -6.38 35.86
#